data_4QTN
#
_entry.id   4QTN
#
_cell.length_a   93.320
_cell.length_b   112.930
_cell.length_c   120.370
_cell.angle_alpha   90.00
_cell.angle_beta   90.00
_cell.angle_gamma   90.00
#
_symmetry.space_group_name_H-M   'P 21 21 21'
#
loop_
_entity.id
_entity.type
_entity.pdbx_description
1 polymer 'Nicotinamide riboside transporter PnuC'
2 non-polymer 'Nicotinamide riboside'
3 non-polymer 'octyl beta-D-glucopyranoside'
#
_entity_poly.entity_id   1
_entity_poly.type   'polypeptide(L)'
_entity_poly.pdbx_seq_one_letter_code
;(MSE)GSLAWWKRELFGGWTHFEAVWLL(MSE)FLGIQAVVFVFNPDSWLASVAAVTGILCVVFVGKGKISNYLFGLISV
SLYAYVSYTFKLYGE(MSE)(MSE)LNLLVYVPVQFVGFA(MSE)WRKH(MSE)ALGETAETEEVKAKALTVRQWLLVVA
ASVVGTSVYIEWLHHLGSALPTLDGVTVVVSIVAQVL(MSE)ILRYREQWALWIVVNILTISLWAVAWFKNGETSLPLLL
(MSE)YV(MSE)YLCNSVYGYINWTKLVKRHSGQHHHHHH
;
_entity_poly.pdbx_strand_id   A,B,C
#
# COMPACT_ATOMS: atom_id res chain seq x y z
N GLY A 2 14.57 -18.32 -31.28
CA GLY A 2 14.15 -17.32 -32.32
C GLY A 2 15.33 -16.48 -32.73
N SER A 3 15.15 -15.65 -33.76
CA SER A 3 16.25 -14.82 -34.32
C SER A 3 16.85 -13.83 -33.31
N LEU A 4 17.97 -13.24 -33.67
CA LEU A 4 18.59 -12.25 -32.82
C LEU A 4 17.88 -10.94 -33.03
N ALA A 5 17.27 -10.79 -34.21
CA ALA A 5 16.41 -9.64 -34.47
C ALA A 5 15.14 -9.72 -33.64
N TRP A 6 14.61 -10.93 -33.50
CA TRP A 6 13.41 -11.14 -32.71
C TRP A 6 13.65 -10.97 -31.19
N TRP A 7 14.82 -11.35 -30.72
CA TRP A 7 15.11 -11.23 -29.30
C TRP A 7 15.36 -9.79 -28.89
N LYS A 8 15.79 -8.96 -29.85
CA LYS A 8 15.95 -7.52 -29.62
C LYS A 8 14.59 -6.87 -29.37
N ARG A 9 13.61 -7.21 -30.19
CA ARG A 9 12.24 -6.79 -29.98
C ARG A 9 11.66 -7.30 -28.65
N GLU A 10 11.85 -8.58 -28.34
CA GLU A 10 11.27 -9.15 -27.14
C GLU A 10 11.75 -8.45 -25.84
N LEU A 11 13.07 -8.28 -25.71
CA LEU A 11 13.66 -7.77 -24.47
C LEU A 11 13.66 -6.26 -24.40
N PHE A 12 13.81 -5.59 -25.52
CA PHE A 12 13.93 -4.15 -25.47
C PHE A 12 12.79 -3.41 -26.17
N GLY A 13 11.83 -4.16 -26.70
CA GLY A 13 10.82 -3.60 -27.57
C GLY A 13 9.60 -3.06 -26.86
N GLY A 14 9.24 -1.81 -27.19
CA GLY A 14 7.95 -1.22 -26.79
C GLY A 14 7.69 -1.02 -25.30
N TRP A 15 8.72 -0.56 -24.57
CA TRP A 15 8.57 -0.20 -23.14
C TRP A 15 8.28 1.30 -23.02
N THR A 16 7.28 1.67 -22.24
CA THR A 16 7.12 3.05 -21.84
C THR A 16 8.31 3.45 -20.92
N HIS A 17 8.67 4.74 -20.95
CA HIS A 17 9.78 5.27 -20.10
C HIS A 17 9.55 4.92 -18.63
N PHE A 18 8.31 5.11 -18.17
CA PHE A 18 7.90 4.67 -16.86
C PHE A 18 8.22 3.20 -16.56
N GLU A 19 7.76 2.28 -17.42
CA GLU A 19 8.00 0.82 -17.16
C GLU A 19 9.47 0.57 -17.11
N ALA A 20 10.18 1.16 -18.05
CA ALA A 20 11.62 1.02 -18.09
C ALA A 20 12.27 1.47 -16.77
N VAL A 21 11.85 2.61 -16.24
CA VAL A 21 12.46 3.19 -15.02
C VAL A 21 12.19 2.31 -13.82
N TRP A 22 10.95 1.86 -13.67
CA TRP A 22 10.65 0.98 -12.58
C TRP A 22 11.21 -0.43 -12.76
N LEU A 23 11.49 -0.84 -13.98
CA LEU A 23 12.12 -2.13 -14.18
C LEU A 23 13.58 -2.09 -13.78
N LEU A 24 14.35 -1.16 -14.38
CA LEU A 24 15.78 -1.07 -14.11
C LEU A 24 16.02 -0.89 -12.65
N PHE A 26 13.90 -1.84 -10.11
CA PHE A 26 13.57 -3.10 -9.46
C PHE A 26 14.78 -4.07 -9.47
N LEU A 27 15.54 -4.06 -10.56
CA LEU A 27 16.72 -4.91 -10.70
C LEU A 27 17.91 -4.35 -9.88
N GLY A 28 18.09 -3.03 -9.95
CA GLY A 28 19.08 -2.32 -9.13
C GLY A 28 18.98 -2.65 -7.65
N ILE A 29 17.78 -2.59 -7.10
CA ILE A 29 17.58 -2.78 -5.65
C ILE A 29 17.83 -4.23 -5.27
N GLN A 30 17.47 -5.13 -6.17
CA GLN A 30 17.80 -6.53 -6.02
C GLN A 30 19.34 -6.78 -6.10
N ALA A 31 20.01 -6.13 -7.05
CA ALA A 31 21.47 -6.27 -7.20
C ALA A 31 22.19 -5.85 -5.94
N VAL A 32 21.71 -4.76 -5.33
CA VAL A 32 22.31 -4.17 -4.11
C VAL A 32 22.15 -5.08 -2.91
N VAL A 33 20.95 -5.59 -2.68
CA VAL A 33 20.76 -6.59 -1.61
C VAL A 33 21.71 -7.77 -1.84
N PHE A 34 22.19 -7.92 -3.07
CA PHE A 34 23.15 -8.97 -3.40
C PHE A 34 24.62 -8.60 -3.16
N VAL A 35 25.01 -7.34 -3.47
CA VAL A 35 26.39 -6.84 -3.14
C VAL A 35 26.62 -6.76 -1.61
N PHE A 36 25.56 -6.94 -0.84
CA PHE A 36 25.66 -6.95 0.60
C PHE A 36 25.78 -8.37 1.11
N ASN A 37 25.06 -9.30 0.48
CA ASN A 37 25.11 -10.71 0.86
C ASN A 37 25.40 -11.64 -0.30
N PRO A 38 26.66 -11.63 -0.83
CA PRO A 38 26.97 -12.73 -1.76
C PRO A 38 26.62 -14.11 -1.15
N ASP A 39 26.35 -14.10 0.16
CA ASP A 39 26.03 -15.30 0.96
C ASP A 39 25.09 -16.31 0.29
N SER A 40 23.95 -15.83 -0.22
CA SER A 40 23.05 -16.71 -0.98
C SER A 40 22.54 -16.04 -2.24
N TRP A 41 23.40 -16.03 -3.26
CA TRP A 41 23.02 -15.60 -4.61
C TRP A 41 21.79 -16.37 -5.17
N LEU A 42 21.54 -17.55 -4.61
CA LEU A 42 20.46 -18.41 -5.08
C LEU A 42 19.14 -17.69 -5.05
N ALA A 43 18.79 -17.13 -3.88
CA ALA A 43 17.57 -16.35 -3.73
C ALA A 43 17.61 -15.11 -4.60
N SER A 44 18.82 -14.59 -4.84
CA SER A 44 19.02 -13.39 -5.65
C SER A 44 18.74 -13.61 -7.13
N VAL A 45 19.29 -14.67 -7.70
CA VAL A 45 18.91 -15.07 -9.06
C VAL A 45 17.39 -15.39 -9.15
N ALA A 46 16.87 -16.05 -8.11
CA ALA A 46 15.43 -16.34 -7.99
C ALA A 46 14.62 -15.06 -8.00
N ALA A 47 15.15 -14.02 -7.37
CA ALA A 47 14.47 -12.72 -7.32
C ALA A 47 14.54 -12.01 -8.66
N VAL A 48 15.76 -11.91 -9.21
CA VAL A 48 15.98 -11.18 -10.48
C VAL A 48 15.14 -11.71 -11.66
N THR A 49 15.33 -12.98 -12.02
CA THR A 49 14.37 -13.69 -12.88
C THR A 49 13.16 -13.95 -12.02
N GLY A 50 12.01 -13.44 -12.42
CA GLY A 50 10.86 -13.47 -11.51
C GLY A 50 10.28 -12.10 -11.32
N ILE A 51 11.13 -11.12 -11.03
CA ILE A 51 10.80 -9.75 -11.32
C ILE A 51 10.64 -9.60 -12.83
N LEU A 52 11.62 -10.08 -13.57
CA LEU A 52 11.53 -10.11 -15.02
C LEU A 52 10.35 -10.92 -15.51
N CYS A 53 10.14 -12.09 -14.91
CA CYS A 53 8.94 -12.86 -15.20
C CYS A 53 7.71 -11.95 -15.12
N VAL A 54 7.44 -11.37 -13.94
CA VAL A 54 6.12 -10.74 -13.74
C VAL A 54 5.92 -9.40 -14.40
N VAL A 55 6.98 -8.61 -14.52
CA VAL A 55 6.93 -7.44 -15.37
C VAL A 55 6.62 -7.87 -16.79
N PHE A 56 7.25 -8.97 -17.23
CA PHE A 56 6.98 -9.49 -18.57
C PHE A 56 5.53 -9.95 -18.76
N VAL A 57 4.98 -10.70 -17.79
CA VAL A 57 3.54 -11.01 -17.81
C VAL A 57 2.72 -9.73 -17.91
N GLY A 58 3.09 -8.73 -17.12
CA GLY A 58 2.46 -7.41 -17.16
C GLY A 58 2.40 -6.87 -18.57
N LYS A 59 3.55 -6.78 -19.23
CA LYS A 59 3.63 -6.18 -20.59
C LYS A 59 2.92 -7.01 -21.62
N GLY A 60 2.56 -8.23 -21.25
CA GLY A 60 1.93 -9.17 -22.18
C GLY A 60 2.94 -9.81 -23.11
N LYS A 61 4.21 -9.81 -22.69
CA LYS A 61 5.33 -10.40 -23.48
C LYS A 61 5.45 -11.90 -23.22
N ILE A 62 5.84 -12.66 -24.26
CA ILE A 62 5.83 -14.15 -24.18
C ILE A 62 7.03 -14.80 -23.44
N SER A 63 8.22 -14.20 -23.58
CA SER A 63 9.42 -14.77 -22.99
C SER A 63 9.41 -14.59 -21.49
N ASN A 64 8.28 -14.17 -20.95
CA ASN A 64 8.06 -14.25 -19.54
C ASN A 64 8.24 -15.67 -19.07
N TYR A 65 8.01 -16.61 -19.98
CA TYR A 65 7.91 -18.01 -19.60
C TYR A 65 9.21 -18.70 -19.24
N LEU A 66 10.29 -18.42 -19.96
CA LEU A 66 11.56 -19.03 -19.60
C LEU A 66 12.04 -18.47 -18.28
N PHE A 67 11.92 -17.15 -18.14
CA PHE A 67 12.25 -16.46 -16.90
C PHE A 67 11.49 -17.06 -15.74
N GLY A 68 10.19 -17.25 -15.92
CA GLY A 68 9.35 -17.87 -14.90
C GLY A 68 9.88 -19.24 -14.48
N LEU A 69 10.23 -20.03 -15.50
CA LEU A 69 10.80 -21.35 -15.34
C LEU A 69 12.00 -21.35 -14.36
N ILE A 70 13.04 -20.56 -14.68
CA ILE A 70 14.19 -20.40 -13.76
C ILE A 70 13.73 -19.92 -12.40
N SER A 71 12.88 -18.89 -12.39
CA SER A 71 12.44 -18.25 -11.17
C SER A 71 11.74 -19.22 -10.25
N VAL A 72 10.72 -19.90 -10.76
CA VAL A 72 9.91 -20.79 -9.90
C VAL A 72 10.69 -22.00 -9.35
N SER A 73 11.76 -22.41 -10.04
CA SER A 73 12.61 -23.51 -9.55
C SER A 73 13.41 -23.09 -8.33
N LEU A 74 14.39 -22.23 -8.58
CA LEU A 74 15.24 -21.74 -7.52
C LEU A 74 14.42 -21.36 -6.31
N TYR A 75 13.38 -20.52 -6.52
CA TYR A 75 12.44 -20.17 -5.44
C TYR A 75 11.82 -21.37 -4.73
N ALA A 76 11.27 -22.32 -5.48
CA ALA A 76 10.63 -23.51 -4.88
C ALA A 76 11.59 -24.21 -3.94
N TYR A 77 12.84 -24.36 -4.36
CA TYR A 77 13.90 -24.85 -3.50
C TYR A 77 14.06 -23.94 -2.28
N VAL A 78 14.31 -22.66 -2.53
CA VAL A 78 14.59 -21.66 -1.47
C VAL A 78 13.45 -21.53 -0.44
N SER A 79 12.20 -21.55 -0.92
CA SER A 79 11.05 -21.56 -0.01
C SER A 79 10.99 -22.87 0.81
N TYR A 80 11.76 -23.87 0.40
CA TYR A 80 11.94 -25.08 1.21
C TYR A 80 12.94 -24.85 2.34
N THR A 81 14.11 -24.29 2.00
CA THR A 81 15.15 -24.03 2.98
C THR A 81 14.71 -23.01 4.07
N PHE A 82 13.59 -22.35 3.85
CA PHE A 82 13.03 -21.48 4.89
C PHE A 82 11.74 -22.04 5.42
N LYS A 83 11.48 -23.32 5.10
CA LYS A 83 10.44 -24.10 5.79
C LYS A 83 8.99 -23.60 5.47
N LEU A 84 8.84 -22.99 4.29
CA LEU A 84 7.52 -22.56 3.79
C LEU A 84 6.96 -23.58 2.77
N TYR A 85 6.14 -24.51 3.27
CA TYR A 85 5.85 -25.72 2.52
C TYR A 85 4.70 -25.59 1.53
N GLY A 86 3.72 -24.75 1.85
CA GLY A 86 2.68 -24.39 0.89
C GLY A 86 3.29 -23.79 -0.36
N GLU A 87 4.30 -22.93 -0.18
CA GLU A 87 4.94 -22.22 -1.29
C GLU A 87 5.83 -23.13 -2.13
N LEU A 90 3.56 -25.57 -4.23
CA LEU A 90 2.91 -24.76 -5.27
C LEU A 90 3.86 -24.54 -6.46
N ASN A 91 5.09 -24.10 -6.18
CA ASN A 91 6.02 -23.78 -7.26
C ASN A 91 6.45 -24.97 -8.08
N LEU A 92 6.74 -26.09 -7.39
CA LEU A 92 7.33 -27.27 -8.05
C LEU A 92 6.30 -28.07 -8.81
N LEU A 93 5.26 -28.56 -8.11
CA LEU A 93 4.20 -29.37 -8.73
C LEU A 93 3.29 -28.58 -9.69
N VAL A 94 2.95 -27.34 -9.32
CA VAL A 94 1.98 -26.58 -10.11
C VAL A 94 2.61 -25.59 -11.10
N TYR A 95 3.60 -24.79 -10.66
CA TYR A 95 4.15 -23.75 -11.56
C TYR A 95 5.06 -24.26 -12.69
N VAL A 96 5.98 -25.21 -12.38
CA VAL A 96 6.96 -25.65 -13.42
C VAL A 96 6.31 -26.36 -14.60
N PRO A 97 5.28 -27.19 -14.32
CA PRO A 97 4.43 -27.72 -15.40
C PRO A 97 3.83 -26.59 -16.23
N VAL A 98 3.24 -25.60 -15.52
CA VAL A 98 2.42 -24.51 -16.13
C VAL A 98 3.25 -23.60 -17.06
N GLN A 99 4.49 -23.28 -16.67
CA GLN A 99 5.37 -22.53 -17.54
C GLN A 99 5.36 -23.11 -18.95
N PHE A 100 5.21 -24.43 -19.03
CA PHE A 100 5.17 -25.11 -20.33
C PHE A 100 3.81 -25.01 -20.96
N VAL A 101 2.80 -25.49 -20.26
CA VAL A 101 1.40 -25.36 -20.69
C VAL A 101 1.13 -23.93 -21.15
N GLY A 102 1.55 -22.97 -20.32
CA GLY A 102 1.42 -21.54 -20.61
C GLY A 102 2.03 -21.10 -21.92
N PHE A 103 3.31 -21.42 -22.12
CA PHE A 103 3.94 -21.02 -23.35
C PHE A 103 3.20 -21.60 -24.55
N ALA A 104 2.67 -22.81 -24.38
CA ALA A 104 1.99 -23.48 -25.45
C ALA A 104 0.86 -22.60 -25.92
N TRP A 106 -0.45 -19.34 -24.93
CA TRP A 106 -0.28 -17.95 -25.31
C TRP A 106 0.24 -17.85 -26.74
N ARG A 107 1.28 -18.62 -27.04
CA ARG A 107 1.94 -18.64 -28.38
C ARG A 107 0.97 -18.47 -29.58
N LYS A 108 -0.23 -19.03 -29.44
CA LYS A 108 -1.31 -18.93 -30.46
C LYS A 108 -1.90 -17.51 -30.66
N HIS A 109 -1.86 -16.68 -29.61
CA HIS A 109 -2.66 -15.44 -29.56
C HIS A 109 -1.83 -14.19 -29.35
N ALA A 111 -0.11 -10.59 -30.79
CA ALA A 111 -0.48 -9.51 -31.69
C ALA A 111 0.56 -8.40 -31.54
N LEU A 112 0.53 -7.40 -32.40
CA LEU A 112 1.61 -6.47 -32.40
C LEU A 112 1.55 -5.36 -31.31
N GLY A 113 0.61 -4.43 -31.40
CA GLY A 113 0.55 -3.35 -30.40
C GLY A 113 1.30 -2.11 -30.84
N GLU A 114 0.89 -0.97 -30.31
CA GLU A 114 0.84 0.27 -31.12
C GLU A 114 2.15 0.73 -31.77
N THR A 115 3.28 0.52 -31.12
CA THR A 115 4.54 1.02 -31.67
C THR A 115 5.12 0.14 -32.77
N ALA A 116 4.58 -1.07 -32.90
CA ALA A 116 5.13 -2.13 -33.77
C ALA A 116 6.56 -2.50 -33.39
N GLU A 117 6.76 -2.77 -32.11
CA GLU A 117 8.05 -3.22 -31.64
C GLU A 117 7.94 -4.64 -31.15
N THR A 118 7.09 -4.86 -30.16
CA THR A 118 7.02 -6.16 -29.50
C THR A 118 5.68 -6.83 -29.72
N GLU A 119 5.54 -8.07 -29.31
CA GLU A 119 4.27 -8.78 -29.47
C GLU A 119 3.56 -8.88 -28.15
N GLU A 120 2.39 -8.25 -28.04
CA GLU A 120 1.54 -8.39 -26.81
C GLU A 120 0.58 -9.54 -26.99
N VAL A 121 0.34 -10.28 -25.91
CA VAL A 121 -0.73 -11.24 -25.91
C VAL A 121 -2.07 -10.52 -26.11
N LYS A 122 -3.08 -11.24 -26.60
CA LYS A 122 -4.42 -10.68 -26.72
C LYS A 122 -5.18 -10.91 -25.45
N ALA A 123 -5.44 -9.82 -24.72
CA ALA A 123 -6.06 -9.88 -23.41
C ALA A 123 -7.59 -9.97 -23.53
N LYS A 124 -8.22 -10.77 -22.68
CA LYS A 124 -9.69 -10.86 -22.67
C LYS A 124 -10.16 -10.52 -21.31
N ALA A 125 -11.47 -10.36 -21.15
CA ALA A 125 -12.04 -10.17 -19.82
C ALA A 125 -13.27 -11.04 -19.53
N LEU A 126 -13.35 -11.55 -18.31
CA LEU A 126 -14.55 -12.22 -17.83
C LEU A 126 -15.70 -11.23 -17.70
N THR A 127 -16.93 -11.74 -17.77
CA THR A 127 -18.12 -10.98 -17.34
C THR A 127 -18.41 -11.28 -15.88
N VAL A 128 -19.33 -10.52 -15.30
CA VAL A 128 -19.59 -10.63 -13.87
C VAL A 128 -20.20 -11.99 -13.57
N ARG A 129 -21.09 -12.44 -14.47
CA ARG A 129 -21.63 -13.80 -14.42
C ARG A 129 -20.49 -14.87 -14.29
N GLN A 130 -19.63 -14.94 -15.30
CA GLN A 130 -18.46 -15.81 -15.31
C GLN A 130 -17.59 -15.67 -14.06
N TRP A 131 -17.30 -14.43 -13.68
CA TRP A 131 -16.50 -14.17 -12.48
C TRP A 131 -17.11 -14.81 -11.26
N LEU A 132 -18.45 -14.76 -11.14
CA LEU A 132 -19.16 -15.41 -10.04
C LEU A 132 -18.88 -16.92 -9.94
N LEU A 133 -18.99 -17.63 -11.06
CA LEU A 133 -18.59 -19.04 -11.14
C LEU A 133 -17.13 -19.27 -10.68
N VAL A 134 -16.20 -18.59 -11.34
CA VAL A 134 -14.78 -18.73 -11.03
C VAL A 134 -14.46 -18.54 -9.54
N VAL A 135 -15.14 -17.62 -8.87
CA VAL A 135 -14.90 -17.46 -7.43
C VAL A 135 -15.53 -18.62 -6.66
N ALA A 136 -16.79 -18.94 -6.98
CA ALA A 136 -17.50 -20.06 -6.33
C ALA A 136 -16.77 -21.39 -6.55
N ALA A 137 -16.30 -21.61 -7.79
CA ALA A 137 -15.37 -22.69 -8.07
C ALA A 137 -14.20 -22.71 -7.07
N SER A 138 -13.59 -21.56 -6.83
CA SER A 138 -12.47 -21.48 -5.88
C SER A 138 -12.84 -21.97 -4.49
N VAL A 139 -14.11 -21.85 -4.14
CA VAL A 139 -14.57 -22.20 -2.80
C VAL A 139 -14.78 -23.70 -2.71
N VAL A 140 -15.42 -24.27 -3.73
CA VAL A 140 -15.62 -25.72 -3.82
C VAL A 140 -14.26 -26.42 -3.88
N GLY A 141 -13.44 -26.01 -4.84
CA GLY A 141 -12.10 -26.58 -5.04
C GLY A 141 -11.17 -26.47 -3.84
N THR A 142 -11.60 -25.74 -2.81
CA THR A 142 -10.82 -25.61 -1.58
C THR A 142 -11.03 -26.82 -0.65
N SER A 143 -12.29 -27.20 -0.43
CA SER A 143 -12.61 -28.40 0.37
C SER A 143 -12.17 -29.66 -0.36
N VAL A 144 -12.14 -29.57 -1.69
CA VAL A 144 -11.63 -30.65 -2.55
C VAL A 144 -10.10 -30.74 -2.54
N TYR A 145 -9.43 -29.62 -2.28
CA TYR A 145 -7.99 -29.65 -2.08
C TYR A 145 -7.66 -29.92 -0.60
N ILE A 146 -8.68 -29.91 0.24
CA ILE A 146 -8.51 -30.33 1.63
C ILE A 146 -8.63 -31.87 1.75
N GLU A 147 -9.43 -32.48 0.85
CA GLU A 147 -9.42 -33.94 0.65
C GLU A 147 -8.04 -34.43 0.26
N TRP A 148 -7.55 -33.94 -0.89
CA TRP A 148 -6.26 -34.32 -1.45
C TRP A 148 -5.11 -34.22 -0.46
N LEU A 149 -5.06 -33.13 0.29
CA LEU A 149 -3.94 -32.88 1.20
C LEU A 149 -3.98 -33.75 2.45
N HIS A 150 -5.20 -34.09 2.89
CA HIS A 150 -5.40 -34.97 4.06
C HIS A 150 -4.52 -36.27 4.06
N HIS A 151 -4.23 -36.80 2.86
CA HIS A 151 -3.45 -38.04 2.73
C HIS A 151 -1.94 -37.81 2.87
N LEU A 152 -1.34 -38.57 3.80
CA LEU A 152 -0.01 -38.28 4.39
C LEU A 152 0.09 -36.93 5.17
N GLY A 153 -1.02 -36.53 5.80
CA GLY A 153 -1.03 -35.39 6.73
C GLY A 153 -0.78 -34.05 6.07
N SER A 154 -0.80 -32.99 6.87
CA SER A 154 -0.53 -31.63 6.37
C SER A 154 -0.09 -30.68 7.48
N ALA A 155 1.16 -30.21 7.40
CA ALA A 155 1.61 -29.05 8.19
C ALA A 155 1.30 -27.73 7.44
N LEU A 156 0.01 -27.55 7.09
CA LEU A 156 -0.47 -26.42 6.26
C LEU A 156 -1.16 -25.37 7.13
N PRO A 157 -0.44 -24.30 7.48
CA PRO A 157 -1.15 -23.25 8.21
C PRO A 157 -2.28 -22.68 7.34
N THR A 158 -3.37 -22.21 7.97
CA THR A 158 -4.54 -21.69 7.23
C THR A 158 -4.11 -20.69 6.19
N LEU A 159 -3.22 -19.79 6.61
CA LEU A 159 -2.72 -18.76 5.73
C LEU A 159 -2.09 -19.34 4.47
N ASP A 160 -1.08 -20.20 4.66
CA ASP A 160 -0.40 -20.91 3.54
C ASP A 160 -1.40 -21.54 2.62
N GLY A 161 -2.47 -22.07 3.21
CA GLY A 161 -3.48 -22.85 2.50
C GLY A 161 -4.31 -22.02 1.53
N VAL A 162 -4.76 -20.86 2.01
CA VAL A 162 -5.50 -19.91 1.16
C VAL A 162 -4.63 -19.43 0.00
N THR A 163 -3.41 -18.99 0.32
CA THR A 163 -2.53 -18.45 -0.71
C THR A 163 -2.17 -19.46 -1.82
N VAL A 164 -2.32 -20.76 -1.55
CA VAL A 164 -2.13 -21.79 -2.60
C VAL A 164 -3.38 -21.92 -3.47
N VAL A 165 -4.56 -21.96 -2.85
CA VAL A 165 -5.83 -21.94 -3.57
C VAL A 165 -5.86 -20.74 -4.54
N VAL A 166 -5.67 -19.54 -3.98
CA VAL A 166 -5.80 -18.32 -4.74
C VAL A 166 -4.76 -18.26 -5.87
N SER A 167 -3.50 -18.56 -5.54
CA SER A 167 -2.40 -18.57 -6.53
C SER A 167 -2.64 -19.48 -7.76
N ILE A 168 -3.32 -20.62 -7.56
CA ILE A 168 -3.67 -21.49 -8.69
C ILE A 168 -4.72 -20.82 -9.55
N VAL A 169 -5.83 -20.43 -8.93
CA VAL A 169 -6.90 -19.72 -9.63
C VAL A 169 -6.39 -18.52 -10.43
N ALA A 170 -5.47 -17.75 -9.87
CA ALA A 170 -4.83 -16.67 -10.60
C ALA A 170 -4.08 -17.23 -11.81
N GLN A 171 -3.28 -18.27 -11.59
CA GLN A 171 -2.50 -18.85 -12.68
C GLN A 171 -3.35 -19.49 -13.81
N VAL A 172 -4.52 -20.05 -13.47
CA VAL A 172 -5.47 -20.53 -14.48
C VAL A 172 -6.00 -19.37 -15.32
N LEU A 173 -6.23 -18.24 -14.67
CA LEU A 173 -6.73 -17.07 -15.36
C LEU A 173 -5.67 -16.47 -16.27
N ILE A 175 -3.15 -18.14 -17.76
CA ILE A 175 -2.91 -19.02 -18.93
C ILE A 175 -4.04 -18.85 -19.95
N LEU A 176 -5.26 -18.73 -19.44
CA LEU A 176 -6.44 -18.50 -20.28
C LEU A 176 -6.49 -17.06 -20.83
N ARG A 177 -5.59 -16.20 -20.33
CA ARG A 177 -5.42 -14.83 -20.84
C ARG A 177 -6.47 -13.82 -20.36
N TYR A 178 -6.95 -13.98 -19.12
CA TYR A 178 -7.94 -13.05 -18.58
C TYR A 178 -7.34 -11.88 -17.76
N ARG A 179 -7.77 -10.65 -18.06
CA ARG A 179 -7.33 -9.46 -17.26
C ARG A 179 -7.54 -9.65 -15.74
N GLU A 180 -8.61 -10.36 -15.37
CA GLU A 180 -9.01 -10.52 -13.96
C GLU A 180 -8.00 -11.26 -13.10
N GLN A 181 -7.00 -11.88 -13.73
CA GLN A 181 -5.91 -12.51 -13.00
C GLN A 181 -5.28 -11.54 -12.02
N TRP A 182 -5.05 -10.31 -12.46
CA TRP A 182 -4.34 -9.36 -11.60
C TRP A 182 -5.03 -8.97 -10.29
N ALA A 183 -6.36 -9.07 -10.23
CA ALA A 183 -7.00 -8.88 -8.95
C ALA A 183 -6.57 -9.97 -7.99
N LEU A 184 -6.62 -11.23 -8.43
CA LEU A 184 -6.09 -12.37 -7.65
C LEU A 184 -4.61 -12.21 -7.25
N TRP A 185 -3.75 -11.87 -8.22
CA TRP A 185 -2.33 -11.68 -7.94
C TRP A 185 -2.12 -10.65 -6.84
N ILE A 186 -2.90 -9.57 -6.89
CA ILE A 186 -2.81 -8.49 -5.89
C ILE A 186 -3.06 -9.04 -4.48
N VAL A 187 -4.02 -9.97 -4.37
CA VAL A 187 -4.24 -10.71 -3.12
C VAL A 187 -3.11 -11.71 -2.75
N VAL A 188 -2.66 -12.55 -3.69
CA VAL A 188 -1.55 -13.48 -3.39
C VAL A 188 -0.23 -12.77 -3.05
N ASN A 189 0.03 -11.62 -3.66
CA ASN A 189 1.22 -10.88 -3.36
C ASN A 189 1.17 -10.27 -1.95
N ILE A 190 -0.03 -9.87 -1.52
CA ILE A 190 -0.23 -9.37 -0.17
C ILE A 190 -0.14 -10.54 0.80
N LEU A 191 -0.63 -11.69 0.39
CA LEU A 191 -0.57 -12.87 1.24
C LEU A 191 0.84 -13.40 1.35
N THR A 192 1.53 -13.52 0.24
CA THR A 192 2.89 -14.02 0.27
C THR A 192 3.88 -13.12 1.02
N ILE A 193 3.56 -11.85 1.23
CA ILE A 193 4.41 -11.01 2.10
C ILE A 193 4.11 -11.24 3.60
N SER A 194 2.88 -11.66 3.90
CA SER A 194 2.55 -12.13 5.25
C SER A 194 3.30 -13.42 5.55
N LEU A 195 3.42 -14.28 4.53
CA LEU A 195 4.13 -15.56 4.66
C LEU A 195 5.58 -15.39 4.99
N TRP A 196 6.30 -14.63 4.18
CA TRP A 196 7.73 -14.39 4.43
C TRP A 196 7.98 -13.48 5.64
N ALA A 197 6.92 -12.81 6.10
CA ALA A 197 6.96 -12.04 7.35
C ALA A 197 6.85 -12.92 8.56
N VAL A 198 5.99 -13.95 8.51
CA VAL A 198 5.93 -14.90 9.60
C VAL A 198 7.12 -15.82 9.57
N ALA A 199 7.54 -16.21 8.37
CA ALA A 199 8.75 -17.03 8.22
C ALA A 199 9.96 -16.43 8.95
N TRP A 200 10.04 -15.09 8.99
CA TRP A 200 11.05 -14.41 9.79
C TRP A 200 10.92 -14.82 11.25
N PHE A 201 9.70 -14.88 11.77
CA PHE A 201 9.50 -15.18 13.19
C PHE A 201 9.70 -16.63 13.56
N LYS A 202 9.16 -17.54 12.77
CA LYS A 202 9.33 -18.95 13.06
C LYS A 202 9.87 -19.70 11.85
N ASN A 203 11.16 -20.05 11.86
CA ASN A 203 12.02 -19.82 13.01
C ASN A 203 12.95 -18.66 12.72
N GLY A 204 12.73 -17.52 13.37
CA GLY A 204 13.71 -16.43 13.38
C GLY A 204 14.51 -16.33 12.10
N GLU A 205 13.83 -16.47 10.96
CA GLU A 205 14.51 -16.42 9.66
C GLU A 205 13.69 -16.08 8.40
N THR A 206 14.30 -15.25 7.54
CA THR A 206 13.76 -14.92 6.21
C THR A 206 14.83 -14.41 5.25
N SER A 207 14.56 -14.48 3.95
CA SER A 207 15.49 -13.98 2.93
C SER A 207 15.02 -12.64 2.43
N LEU A 208 15.94 -11.68 2.37
CA LEU A 208 15.58 -10.34 1.95
C LEU A 208 15.20 -10.32 0.48
N PRO A 209 15.97 -11.05 -0.39
CA PRO A 209 15.67 -10.86 -1.81
C PRO A 209 14.26 -11.30 -2.16
N LEU A 210 13.75 -12.31 -1.46
CA LEU A 210 12.41 -12.79 -1.75
C LEU A 210 11.32 -12.00 -1.01
N LEU A 211 11.64 -11.44 0.16
CA LEU A 211 10.72 -10.49 0.78
C LEU A 211 10.60 -9.20 -0.03
N LEU A 212 11.71 -8.71 -0.56
CA LEU A 212 11.70 -7.56 -1.48
C LEU A 212 10.94 -7.86 -2.72
N TYR A 214 8.63 -9.98 -3.47
CA TYR A 214 7.16 -9.93 -3.30
C TYR A 214 6.56 -8.51 -3.02
N VAL A 215 7.37 -7.59 -2.49
CA VAL A 215 6.97 -6.17 -2.46
C VAL A 215 7.00 -5.59 -3.89
N TYR A 217 6.70 -7.38 -6.49
CA TYR A 217 5.57 -8.05 -7.14
C TYR A 217 4.29 -7.28 -6.98
N LEU A 218 4.04 -6.79 -5.75
CA LEU A 218 2.78 -6.07 -5.43
C LEU A 218 2.65 -4.82 -6.27
N CYS A 219 3.71 -4.01 -6.29
CA CYS A 219 3.76 -2.86 -7.13
C CYS A 219 3.42 -3.26 -8.55
N ASN A 220 4.13 -4.26 -9.09
CA ASN A 220 3.93 -4.61 -10.48
C ASN A 220 2.58 -5.22 -10.77
N SER A 221 1.99 -5.91 -9.79
CA SER A 221 0.66 -6.51 -9.99
C SER A 221 -0.45 -5.46 -10.16
N VAL A 222 -0.25 -4.26 -9.61
CA VAL A 222 -1.15 -3.11 -9.83
C VAL A 222 -0.91 -2.56 -11.23
N TYR A 223 0.34 -2.32 -11.57
CA TYR A 223 0.62 -1.94 -12.93
C TYR A 223 0.06 -2.95 -13.92
N GLY A 224 0.13 -4.23 -13.58
CA GLY A 224 -0.44 -5.30 -14.41
C GLY A 224 -1.91 -5.06 -14.74
N TYR A 225 -2.73 -4.97 -13.70
CA TYR A 225 -4.14 -4.71 -13.88
C TYR A 225 -4.37 -3.55 -14.90
N ILE A 226 -3.70 -2.41 -14.66
CA ILE A 226 -3.83 -1.24 -15.55
C ILE A 226 -3.48 -1.56 -17.01
N ASN A 227 -2.27 -2.05 -17.26
CA ASN A 227 -1.84 -2.36 -18.60
C ASN A 227 -2.66 -3.45 -19.27
N TRP A 228 -3.17 -4.43 -18.51
CA TRP A 228 -4.06 -5.45 -19.09
C TRP A 228 -5.43 -4.91 -19.43
N THR A 229 -5.87 -3.92 -18.69
CA THR A 229 -7.00 -3.14 -19.13
C THR A 229 -6.79 -2.44 -20.49
N LYS A 230 -5.70 -1.68 -20.65
CA LYS A 230 -5.33 -1.19 -22.00
C LYS A 230 -5.32 -2.34 -23.05
N LEU A 231 -4.90 -3.52 -22.60
CA LEU A 231 -4.61 -4.62 -23.49
C LEU A 231 -5.90 -5.28 -23.97
N VAL A 232 -6.88 -5.39 -23.08
CA VAL A 232 -8.23 -5.81 -23.48
C VAL A 232 -8.83 -4.83 -24.52
N LYS A 233 -8.63 -3.54 -24.31
CA LYS A 233 -9.20 -2.54 -25.22
C LYS A 233 -8.59 -2.60 -26.62
N ARG A 234 -7.30 -2.88 -26.73
CA ARG A 234 -6.64 -2.92 -28.04
C ARG A 234 -7.15 -4.07 -28.88
N HIS A 235 -7.59 -5.13 -28.21
CA HIS A 235 -8.02 -6.32 -28.88
C HIS A 235 -9.51 -6.56 -28.61
N SER A 236 -10.30 -5.56 -29.05
CA SER A 236 -11.78 -5.45 -28.86
C SER A 236 -12.29 -5.43 -27.42
N GLY B 2 13.62 35.90 2.44
CA GLY B 2 13.36 36.04 3.89
C GLY B 2 12.12 36.88 4.14
N SER B 3 11.70 37.64 3.12
CA SER B 3 10.65 38.64 3.29
C SER B 3 9.39 38.07 3.95
N LEU B 4 8.84 38.80 4.91
CA LEU B 4 7.69 38.32 5.64
C LEU B 4 6.51 38.07 4.71
N ALA B 5 6.29 38.98 3.78
CA ALA B 5 5.23 38.85 2.78
C ALA B 5 5.46 37.53 2.05
N TRP B 6 6.71 37.24 1.78
CA TRP B 6 7.12 36.00 1.18
C TRP B 6 6.67 34.82 2.03
N TRP B 7 7.29 34.62 3.17
CA TRP B 7 6.93 33.49 4.00
C TRP B 7 5.42 33.26 4.06
N LYS B 8 4.65 34.29 3.70
CA LYS B 8 3.21 34.17 3.62
C LYS B 8 2.83 33.32 2.39
N ARG B 9 3.41 33.68 1.23
CA ARG B 9 3.24 32.97 -0.05
C ARG B 9 3.76 31.55 0.05
N GLU B 10 5.04 31.43 0.38
CA GLU B 10 5.73 30.17 0.40
C GLU B 10 4.98 29.18 1.24
N LEU B 11 4.59 29.59 2.44
CA LEU B 11 3.95 28.69 3.39
C LEU B 11 2.48 28.36 3.13
N PHE B 12 1.72 29.30 2.55
CA PHE B 12 0.24 29.15 2.48
C PHE B 12 -0.30 29.27 1.08
N GLY B 13 0.57 29.55 0.13
CA GLY B 13 0.12 29.92 -1.22
C GLY B 13 0.04 28.76 -2.20
N GLY B 14 -1.03 28.76 -3.00
CA GLY B 14 -1.22 27.80 -4.12
C GLY B 14 -1.28 26.31 -3.76
N TRP B 15 -1.94 25.98 -2.64
CA TRP B 15 -2.27 24.61 -2.30
C TRP B 15 -3.60 24.27 -2.92
N THR B 16 -3.70 23.08 -3.48
CA THR B 16 -5.00 22.56 -3.92
C THR B 16 -5.80 22.16 -2.69
N HIS B 17 -7.13 22.05 -2.84
CA HIS B 17 -7.97 21.60 -1.73
C HIS B 17 -7.48 20.26 -1.22
N PHE B 18 -7.14 19.37 -2.17
CA PHE B 18 -6.57 18.03 -1.85
C PHE B 18 -5.29 18.06 -0.99
N GLU B 19 -4.19 18.62 -1.55
CA GLU B 19 -2.92 18.78 -0.82
C GLU B 19 -3.19 19.33 0.57
N ALA B 20 -4.02 20.37 0.64
CA ALA B 20 -4.37 20.98 1.89
C ALA B 20 -5.02 19.99 2.82
N VAL B 21 -6.07 19.32 2.33
CA VAL B 21 -6.83 18.42 3.17
C VAL B 21 -5.96 17.35 3.75
N TRP B 22 -4.97 16.91 2.97
CA TRP B 22 -4.08 15.85 3.46
C TRP B 22 -2.96 16.34 4.42
N LEU B 23 -2.19 17.31 3.97
CA LEU B 23 -1.14 17.81 4.79
C LEU B 23 -1.65 18.22 6.18
N LEU B 24 -2.88 18.73 6.26
CA LEU B 24 -3.45 19.05 7.56
C LEU B 24 -3.78 17.79 8.35
N PHE B 26 -2.47 15.04 8.15
CA PHE B 26 -1.22 14.40 8.54
C PHE B 26 -0.71 14.97 9.80
N LEU B 27 -0.79 16.30 9.93
CA LEU B 27 -0.28 17.00 11.10
C LEU B 27 -1.16 16.78 12.31
N GLY B 28 -2.46 16.82 12.08
CA GLY B 28 -3.43 16.41 13.09
C GLY B 28 -3.16 15.05 13.71
N ILE B 29 -2.94 14.02 12.88
CA ILE B 29 -2.63 12.66 13.39
C ILE B 29 -1.34 12.62 14.18
N GLN B 30 -0.37 13.41 13.73
CA GLN B 30 0.88 13.59 14.47
C GLN B 30 0.60 14.24 15.85
N ALA B 31 -0.34 15.18 15.89
CA ALA B 31 -0.71 15.89 17.10
C ALA B 31 -1.45 15.01 18.08
N VAL B 32 -2.56 14.43 17.64
CA VAL B 32 -3.29 13.40 18.43
C VAL B 32 -2.36 12.34 19.07
N VAL B 33 -1.27 12.02 18.36
CA VAL B 33 -0.26 11.09 18.87
C VAL B 33 0.48 11.66 20.06
N PHE B 34 0.70 12.98 20.03
CA PHE B 34 1.45 13.70 21.07
C PHE B 34 0.57 14.00 22.28
N VAL B 35 -0.70 14.26 22.02
CA VAL B 35 -1.67 14.44 23.08
C VAL B 35 -1.90 13.10 23.82
N PHE B 36 -1.14 12.08 23.43
CA PHE B 36 -1.17 10.80 24.11
C PHE B 36 0.13 10.55 24.84
N ASN B 37 1.24 10.86 24.17
CA ASN B 37 2.56 10.69 24.75
C ASN B 37 3.31 11.99 24.70
N PRO B 38 2.97 12.94 25.60
CA PRO B 38 3.77 14.17 25.62
C PRO B 38 5.23 13.82 25.89
N ASP B 39 5.44 12.59 26.37
CA ASP B 39 6.69 12.14 26.96
C ASP B 39 7.90 12.32 26.06
N SER B 40 7.80 11.90 24.81
CA SER B 40 8.83 12.22 23.83
C SER B 40 8.30 13.14 22.75
N TRP B 41 8.13 14.41 23.12
CA TRP B 41 7.86 15.47 22.17
C TRP B 41 8.93 15.45 21.07
N LEU B 42 10.17 15.21 21.48
CA LEU B 42 11.30 15.28 20.57
C LEU B 42 11.03 14.59 19.22
N ALA B 43 10.54 13.35 19.27
CA ALA B 43 10.15 12.61 18.08
C ALA B 43 8.95 13.23 17.38
N SER B 44 7.96 13.68 18.17
CA SER B 44 6.74 14.30 17.62
C SER B 44 7.08 15.54 16.84
N VAL B 45 8.09 16.25 17.28
CA VAL B 45 8.53 17.40 16.54
C VAL B 45 9.29 16.95 15.30
N ALA B 46 10.13 15.90 15.43
CA ALA B 46 10.88 15.36 14.29
C ALA B 46 9.94 14.88 13.18
N ALA B 47 8.74 14.46 13.59
CA ALA B 47 7.71 14.07 12.65
C ALA B 47 7.06 15.31 11.99
N VAL B 48 6.51 16.23 12.80
CA VAL B 48 5.83 17.44 12.27
C VAL B 48 6.70 18.27 11.33
N THR B 49 7.87 18.72 11.80
CA THR B 49 8.90 19.20 10.88
C THR B 49 9.42 17.99 10.16
N GLY B 50 9.15 17.89 8.88
CA GLY B 50 9.56 16.68 8.18
C GLY B 50 8.49 16.11 7.29
N ILE B 51 7.28 15.91 7.82
CA ILE B 51 6.08 15.80 7.00
C ILE B 51 6.06 17.03 6.12
N LEU B 52 6.24 18.19 6.76
CA LEU B 52 6.31 19.44 6.04
C LEU B 52 7.49 19.42 5.10
N CYS B 53 8.61 18.82 5.50
CA CYS B 53 9.76 18.80 4.61
C CYS B 53 9.35 18.20 3.30
N VAL B 54 8.83 16.98 3.36
CA VAL B 54 8.60 16.17 2.16
C VAL B 54 7.38 16.66 1.40
N VAL B 55 6.35 17.07 2.15
CA VAL B 55 5.19 17.64 1.50
C VAL B 55 5.59 18.86 0.70
N PHE B 56 6.55 19.62 1.22
CA PHE B 56 7.07 20.80 0.51
C PHE B 56 7.95 20.44 -0.68
N VAL B 57 8.75 19.38 -0.59
CA VAL B 57 9.51 18.93 -1.77
C VAL B 57 8.55 18.46 -2.87
N GLY B 58 7.53 17.70 -2.50
CA GLY B 58 6.47 17.33 -3.45
C GLY B 58 6.06 18.53 -4.28
N LYS B 59 5.84 19.66 -3.58
CA LYS B 59 5.35 20.88 -4.18
C LYS B 59 6.40 21.59 -4.96
N GLY B 60 7.65 21.20 -4.78
CA GLY B 60 8.77 21.92 -5.41
C GLY B 60 9.06 23.26 -4.74
N LYS B 61 8.53 23.45 -3.51
CA LYS B 61 8.75 24.63 -2.71
C LYS B 61 10.13 24.63 -2.09
N ILE B 62 10.87 25.74 -2.29
CA ILE B 62 12.29 25.83 -1.84
C ILE B 62 12.44 25.97 -0.31
N SER B 63 11.39 26.42 0.36
CA SER B 63 11.40 26.53 1.82
C SER B 63 11.36 25.18 2.51
N ASN B 64 11.30 24.12 1.72
CA ASN B 64 11.33 22.76 2.28
C ASN B 64 12.59 22.59 3.13
N TYR B 65 13.64 23.30 2.73
CA TYR B 65 14.94 23.06 3.25
C TYR B 65 15.11 23.44 4.77
N LEU B 66 14.43 24.48 5.24
CA LEU B 66 14.46 24.82 6.68
C LEU B 66 13.82 23.72 7.49
N PHE B 67 12.60 23.35 7.10
CA PHE B 67 11.89 22.27 7.77
C PHE B 67 12.73 21.00 7.83
N GLY B 68 13.40 20.70 6.72
CA GLY B 68 14.33 19.55 6.64
C GLY B 68 15.45 19.62 7.64
N LEU B 69 16.12 20.78 7.68
CA LEU B 69 17.24 21.00 8.58
C LEU B 69 16.88 20.70 10.03
N ILE B 70 15.76 21.24 10.50
CA ILE B 70 15.26 20.86 11.83
C ILE B 70 15.04 19.36 11.86
N SER B 71 14.17 18.88 10.96
CA SER B 71 13.70 17.49 10.94
C SER B 71 14.80 16.45 11.03
N VAL B 72 15.76 16.53 10.10
CA VAL B 72 16.83 15.51 9.98
C VAL B 72 17.74 15.44 11.21
N SER B 73 18.01 16.60 11.81
CA SER B 73 18.88 16.66 12.97
C SER B 73 18.19 15.99 14.14
N LEU B 74 17.04 16.51 14.52
CA LEU B 74 16.29 15.85 15.55
C LEU B 74 16.16 14.35 15.24
N TYR B 75 15.78 14.00 14.00
CA TYR B 75 15.61 12.56 13.61
C TYR B 75 16.89 11.77 13.83
N ALA B 76 18.01 12.32 13.37
CA ALA B 76 19.31 11.68 13.59
C ALA B 76 19.51 11.31 15.08
N TYR B 77 19.15 12.22 15.97
CA TYR B 77 19.26 11.91 17.37
C TYR B 77 18.29 10.78 17.74
N VAL B 78 17.02 10.91 17.38
CA VAL B 78 15.98 10.00 17.87
C VAL B 78 16.21 8.54 17.43
N SER B 79 16.78 8.37 16.24
CA SER B 79 17.06 7.03 15.71
C SER B 79 18.28 6.44 16.41
N TYR B 80 19.14 7.32 16.94
CA TYR B 80 20.32 6.92 17.71
C TYR B 80 19.92 6.29 19.06
N THR B 81 18.92 6.88 19.71
CA THR B 81 18.39 6.30 20.93
C THR B 81 17.68 4.94 20.70
N PHE B 82 17.46 4.58 19.43
CA PHE B 82 16.76 3.31 19.11
C PHE B 82 17.66 2.29 18.39
N LYS B 83 18.96 2.50 18.49
CA LYS B 83 19.92 1.52 17.99
C LYS B 83 19.85 1.34 16.45
N LEU B 84 19.15 2.25 15.78
CA LEU B 84 19.17 2.30 14.33
C LEU B 84 20.36 3.14 13.85
N TYR B 85 21.57 2.63 14.08
CA TYR B 85 22.77 3.45 13.85
C TYR B 85 23.05 3.72 12.37
N GLY B 86 22.41 2.96 11.49
CA GLY B 86 22.48 3.22 10.05
C GLY B 86 21.87 4.56 9.70
N GLU B 87 20.67 4.81 10.26
CA GLU B 87 19.86 6.01 9.95
C GLU B 87 20.42 7.28 10.59
N LEU B 90 23.15 8.57 8.69
CA LEU B 90 22.68 9.02 7.39
C LEU B 90 22.23 10.47 7.48
N ASN B 91 21.35 10.73 8.44
CA ASN B 91 20.83 12.07 8.68
C ASN B 91 21.93 13.06 9.04
N LEU B 92 22.82 12.64 9.92
CA LEU B 92 23.87 13.51 10.50
C LEU B 92 24.97 13.88 9.48
N LEU B 93 25.66 12.86 8.97
CA LEU B 93 26.76 13.10 8.03
C LEU B 93 26.26 13.48 6.64
N VAL B 94 25.05 13.03 6.28
CA VAL B 94 24.56 13.21 4.91
C VAL B 94 23.54 14.34 4.79
N TYR B 95 22.43 14.23 5.51
CA TYR B 95 21.29 15.12 5.28
C TYR B 95 21.52 16.52 5.79
N VAL B 96 22.08 16.63 7.01
CA VAL B 96 22.26 17.93 7.67
C VAL B 96 23.12 18.93 6.85
N PRO B 97 24.25 18.45 6.28
CA PRO B 97 25.01 19.33 5.34
C PRO B 97 24.27 19.56 4.04
N VAL B 98 23.45 18.59 3.63
CA VAL B 98 22.82 18.63 2.30
C VAL B 98 21.72 19.68 2.13
N GLN B 99 20.85 19.84 3.14
CA GLN B 99 19.89 20.94 3.14
C GLN B 99 20.54 22.20 2.60
N PHE B 100 21.83 22.40 2.90
CA PHE B 100 22.51 23.62 2.52
C PHE B 100 22.89 23.54 1.07
N VAL B 101 23.54 22.44 0.67
CA VAL B 101 23.90 22.30 -0.74
C VAL B 101 22.67 22.42 -1.63
N GLY B 102 21.58 21.76 -1.22
CA GLY B 102 20.34 21.75 -1.98
C GLY B 102 19.75 23.12 -2.15
N PHE B 103 19.59 23.83 -1.04
CA PHE B 103 19.12 25.21 -1.07
C PHE B 103 19.90 26.05 -2.07
N ALA B 104 21.23 25.80 -2.11
CA ALA B 104 22.11 26.48 -3.03
C ALA B 104 21.63 26.31 -4.45
N TRP B 106 18.86 24.70 -5.78
CA TRP B 106 17.47 24.92 -6.13
C TRP B 106 17.20 26.40 -6.45
N ARG B 107 17.72 27.28 -5.59
CA ARG B 107 17.51 28.73 -5.69
C ARG B 107 17.75 29.30 -7.09
N LYS B 108 18.77 28.78 -7.78
CA LYS B 108 19.06 29.22 -9.15
C LYS B 108 18.02 28.75 -10.21
N HIS B 109 17.12 27.82 -9.83
CA HIS B 109 16.18 27.21 -10.81
C HIS B 109 14.72 27.22 -10.38
N ALA B 111 10.89 28.71 -10.55
CA ALA B 111 10.05 29.24 -11.62
C ALA B 111 8.73 29.64 -11.02
N LEU B 112 7.86 30.24 -11.83
CA LEU B 112 6.61 30.74 -11.34
C LEU B 112 5.54 29.64 -10.94
N GLY B 113 5.04 28.86 -11.86
CA GLY B 113 3.95 27.94 -11.51
C GLY B 113 2.59 28.60 -11.69
N GLU B 114 1.54 27.79 -11.74
CA GLU B 114 0.32 28.12 -12.49
C GLU B 114 -0.49 29.30 -12.00
N THR B 115 -0.68 29.41 -10.70
CA THR B 115 -1.51 30.48 -10.22
C THR B 115 -0.77 31.79 -10.06
N ALA B 116 0.56 31.75 -10.25
CA ALA B 116 1.49 32.90 -9.92
C ALA B 116 1.47 33.28 -8.45
N GLU B 117 0.80 32.46 -7.64
CA GLU B 117 0.64 32.69 -6.22
C GLU B 117 1.90 32.38 -5.47
N THR B 118 2.74 31.55 -6.06
CA THR B 118 3.97 31.11 -5.44
C THR B 118 4.82 30.45 -6.49
N GLU B 119 6.07 30.16 -6.15
CA GLU B 119 7.04 29.66 -7.14
C GLU B 119 7.43 28.18 -6.89
N GLU B 120 7.84 27.46 -7.93
CA GLU B 120 8.21 26.03 -7.79
C GLU B 120 9.57 25.85 -8.38
N VAL B 121 10.31 24.85 -7.91
CA VAL B 121 11.53 24.43 -8.58
C VAL B 121 11.21 23.95 -10.01
N LYS B 122 12.18 24.10 -10.90
CA LYS B 122 12.05 23.55 -12.25
C LYS B 122 12.54 22.10 -12.29
N ALA B 123 11.60 21.17 -12.50
CA ALA B 123 11.88 19.71 -12.49
C ALA B 123 12.43 19.19 -13.83
N LYS B 124 13.29 18.19 -13.77
CA LYS B 124 13.81 17.59 -14.99
C LYS B 124 13.63 16.10 -15.01
N ALA B 125 13.69 15.51 -16.21
CA ALA B 125 13.51 14.07 -16.36
C ALA B 125 14.76 13.36 -16.89
N LEU B 126 15.19 12.31 -16.19
CA LEU B 126 16.28 11.46 -16.67
C LEU B 126 15.80 10.70 -17.90
N THR B 127 16.72 10.29 -18.77
CA THR B 127 16.34 9.36 -19.84
C THR B 127 16.62 7.91 -19.41
N VAL B 128 16.16 6.96 -20.23
CA VAL B 128 16.31 5.54 -19.87
C VAL B 128 17.77 5.17 -19.80
N ARG B 129 18.54 5.68 -20.77
CA ARG B 129 19.98 5.54 -20.76
C ARG B 129 20.57 6.05 -19.43
N GLN B 130 20.37 7.34 -19.14
CA GLN B 130 20.89 7.97 -17.93
C GLN B 130 20.48 7.23 -16.66
N TRP B 131 19.20 6.87 -16.58
CA TRP B 131 18.68 6.17 -15.40
C TRP B 131 19.37 4.83 -15.17
N LEU B 132 19.49 4.04 -16.23
CA LEU B 132 20.32 2.85 -16.23
C LEU B 132 21.72 3.14 -15.68
N LEU B 133 22.31 4.26 -16.11
CA LEU B 133 23.61 4.66 -15.60
C LEU B 133 23.55 5.00 -14.10
N VAL B 134 22.59 5.84 -13.71
CA VAL B 134 22.35 6.14 -12.31
C VAL B 134 22.22 4.86 -11.48
N VAL B 135 21.50 3.88 -11.98
CA VAL B 135 21.32 2.65 -11.23
C VAL B 135 22.63 1.87 -11.15
N ALA B 136 23.34 1.79 -12.29
CA ALA B 136 24.65 1.10 -12.35
C ALA B 136 25.66 1.67 -11.34
N ALA B 137 25.79 2.99 -11.32
CA ALA B 137 26.50 3.71 -10.27
C ALA B 137 26.19 3.16 -8.87
N SER B 138 24.90 3.04 -8.56
CA SER B 138 24.43 2.61 -7.23
C SER B 138 24.93 1.25 -6.79
N VAL B 139 25.10 0.31 -7.72
CA VAL B 139 25.74 -0.97 -7.35
C VAL B 139 27.27 -0.84 -7.22
N VAL B 140 27.90 -0.15 -8.17
CA VAL B 140 29.35 0.08 -8.11
C VAL B 140 29.67 0.84 -6.84
N GLY B 141 28.90 1.88 -6.60
CA GLY B 141 29.03 2.68 -5.42
C GLY B 141 28.74 1.95 -4.12
N THR B 142 28.20 0.74 -4.19
CA THR B 142 27.89 0.07 -2.93
C THR B 142 29.10 -0.63 -2.34
N SER B 143 29.97 -1.12 -3.21
CA SER B 143 31.22 -1.77 -2.79
C SER B 143 32.16 -0.77 -2.06
N VAL B 144 31.97 0.52 -2.39
CA VAL B 144 32.68 1.66 -1.83
C VAL B 144 32.13 2.00 -0.45
N TYR B 145 30.83 1.86 -0.30
CA TYR B 145 30.20 2.05 0.98
C TYR B 145 30.44 0.86 1.89
N ILE B 146 30.86 -0.27 1.31
CA ILE B 146 31.23 -1.45 2.11
C ILE B 146 32.70 -1.45 2.56
N GLU B 147 33.61 -1.04 1.66
CA GLU B 147 35.02 -0.90 2.00
C GLU B 147 35.20 0.17 3.08
N TRP B 148 34.78 1.40 2.78
CA TRP B 148 34.49 2.40 3.82
C TRP B 148 33.53 1.75 4.81
N LEU B 149 33.63 2.10 6.07
CA LEU B 149 32.75 1.50 7.10
C LEU B 149 33.18 0.09 7.50
N HIS B 150 34.08 -0.51 6.72
CA HIS B 150 34.92 -1.59 7.24
C HIS B 150 35.71 -0.96 8.35
N HIS B 151 36.04 0.30 8.15
CA HIS B 151 36.83 1.08 9.07
C HIS B 151 35.95 1.75 10.13
N LEU B 152 36.38 1.59 11.39
CA LEU B 152 35.58 1.96 12.57
C LEU B 152 34.48 0.94 12.89
N GLY B 153 34.56 -0.24 12.26
CA GLY B 153 33.69 -1.37 12.59
C GLY B 153 32.25 -1.19 12.12
N SER B 154 31.51 -2.30 12.04
CA SER B 154 30.15 -2.27 11.49
C SER B 154 29.34 -3.53 11.81
N ALA B 155 28.37 -3.39 12.68
CA ALA B 155 27.24 -4.28 12.65
C ALA B 155 26.22 -3.64 11.77
N LEU B 156 26.52 -3.61 10.49
CA LEU B 156 25.66 -3.02 9.48
C LEU B 156 24.65 -4.06 9.04
N PRO B 157 23.50 -4.14 9.73
CA PRO B 157 22.56 -5.11 9.23
C PRO B 157 22.18 -4.71 7.80
N THR B 158 21.94 -5.69 6.94
CA THR B 158 21.77 -5.43 5.51
C THR B 158 20.65 -4.46 5.24
N LEU B 159 19.51 -4.65 5.90
CA LEU B 159 18.34 -3.83 5.68
C LEU B 159 18.68 -2.37 5.88
N ASP B 160 19.20 -2.04 7.06
CA ASP B 160 19.72 -0.68 7.36
C ASP B 160 20.68 -0.20 6.32
N GLY B 161 21.54 -1.10 5.85
CA GLY B 161 22.60 -0.75 4.94
C GLY B 161 22.09 -0.41 3.57
N VAL B 162 21.16 -1.22 3.06
CA VAL B 162 20.64 -1.04 1.69
C VAL B 162 19.88 0.26 1.57
N THR B 163 18.95 0.48 2.50
CA THR B 163 18.20 1.76 2.56
C THR B 163 19.11 3.01 2.65
N VAL B 164 20.33 2.84 3.17
CA VAL B 164 21.25 3.96 3.26
C VAL B 164 21.84 4.31 1.91
N VAL B 165 22.09 3.30 1.09
CA VAL B 165 22.60 3.54 -0.26
C VAL B 165 21.53 4.16 -1.12
N VAL B 166 20.34 3.56 -1.08
CA VAL B 166 19.19 4.03 -1.87
C VAL B 166 18.89 5.50 -1.55
N SER B 167 18.78 5.80 -0.25
CA SER B 167 18.56 7.16 0.25
C SER B 167 19.55 8.19 -0.25
N ILE B 168 20.82 7.82 -0.32
CA ILE B 168 21.84 8.74 -0.80
C ILE B 168 21.60 9.08 -2.24
N VAL B 169 21.24 8.08 -3.05
CA VAL B 169 21.03 8.30 -4.49
C VAL B 169 19.79 9.18 -4.75
N ALA B 170 18.70 8.92 -4.01
CA ALA B 170 17.48 9.75 -4.10
C ALA B 170 17.77 11.22 -3.77
N GLN B 171 18.36 11.45 -2.60
CA GLN B 171 18.86 12.77 -2.20
C GLN B 171 19.70 13.53 -3.27
N VAL B 172 20.61 12.81 -3.94
CA VAL B 172 21.42 13.40 -5.03
C VAL B 172 20.54 13.83 -6.21
N LEU B 173 19.54 13.01 -6.54
CA LEU B 173 18.64 13.31 -7.65
C LEU B 173 17.75 14.47 -7.26
N ILE B 175 18.33 16.94 -5.04
CA ILE B 175 19.05 18.23 -5.11
C ILE B 175 19.27 18.65 -6.57
N LEU B 176 19.47 17.66 -7.43
CA LEU B 176 19.67 17.91 -8.85
C LEU B 176 18.36 18.10 -9.68
N ARG B 177 17.21 17.96 -9.01
CA ARG B 177 15.88 18.37 -9.54
C ARG B 177 15.35 17.41 -10.58
N TYR B 178 15.75 16.16 -10.46
CA TYR B 178 15.25 15.09 -11.33
C TYR B 178 14.00 14.41 -10.76
N ARG B 179 12.99 14.21 -11.62
CA ARG B 179 11.71 13.61 -11.21
C ARG B 179 11.91 12.25 -10.58
N GLU B 180 12.87 11.49 -11.12
CA GLU B 180 13.02 10.07 -10.79
C GLU B 180 13.43 9.77 -9.34
N GLN B 181 13.89 10.79 -8.61
CA GLN B 181 14.08 10.68 -7.17
C GLN B 181 12.88 9.99 -6.50
N TRP B 182 11.67 10.35 -6.96
CA TRP B 182 10.44 9.89 -6.32
C TRP B 182 10.23 8.40 -6.37
N ALA B 183 10.76 7.77 -7.41
CA ALA B 183 10.74 6.34 -7.52
C ALA B 183 11.60 5.76 -6.41
N LEU B 184 12.87 6.19 -6.37
CA LEU B 184 13.75 5.84 -5.25
C LEU B 184 13.13 6.17 -3.86
N TRP B 185 12.50 7.34 -3.70
CA TRP B 185 11.88 7.70 -2.41
C TRP B 185 10.85 6.66 -1.96
N ILE B 186 10.00 6.22 -2.90
CA ILE B 186 8.96 5.24 -2.56
C ILE B 186 9.58 3.98 -1.97
N VAL B 187 10.75 3.58 -2.47
CA VAL B 187 11.42 2.38 -1.98
C VAL B 187 12.07 2.62 -0.63
N VAL B 188 12.78 3.77 -0.45
CA VAL B 188 13.41 4.07 0.87
C VAL B 188 12.37 4.19 1.95
N ASN B 189 11.17 4.62 1.58
CA ASN B 189 10.12 4.69 2.57
C ASN B 189 9.61 3.32 3.03
N ILE B 190 9.60 2.36 2.10
CA ILE B 190 9.09 1.02 2.39
C ILE B 190 10.14 0.29 3.20
N LEU B 191 11.40 0.51 2.85
CA LEU B 191 12.53 -0.04 3.60
C LEU B 191 12.59 0.49 5.02
N THR B 192 12.43 1.82 5.15
CA THR B 192 12.51 2.47 6.44
C THR B 192 11.29 2.17 7.33
N ILE B 193 10.11 2.02 6.73
CA ILE B 193 9.00 1.54 7.55
C ILE B 193 9.39 0.21 8.21
N SER B 194 10.22 -0.58 7.52
CA SER B 194 10.66 -1.90 8.02
C SER B 194 11.63 -1.79 9.20
N LEU B 195 12.62 -0.89 9.07
CA LEU B 195 13.57 -0.56 10.19
C LEU B 195 12.87 -0.30 11.51
N TRP B 196 11.88 0.59 11.52
CA TRP B 196 11.13 0.88 12.72
C TRP B 196 10.16 -0.25 13.09
N ALA B 197 9.83 -1.11 12.14
CA ALA B 197 8.98 -2.25 12.43
C ALA B 197 9.76 -3.38 13.11
N VAL B 198 11.04 -3.55 12.73
CA VAL B 198 11.96 -4.45 13.46
C VAL B 198 12.34 -3.87 14.83
N ALA B 199 12.66 -2.57 14.85
CA ALA B 199 13.11 -1.94 16.08
C ALA B 199 12.26 -2.28 17.29
N TRP B 200 11.03 -2.75 17.07
CA TRP B 200 10.20 -3.17 18.19
C TRP B 200 10.17 -4.71 18.43
N PHE B 201 11.11 -5.43 17.80
CA PHE B 201 11.42 -6.83 18.19
C PHE B 201 12.83 -6.92 18.74
N LYS B 202 13.69 -6.00 18.33
CA LYS B 202 15.04 -5.92 18.90
C LYS B 202 15.39 -4.52 19.49
N ASN B 203 14.90 -4.20 20.69
CA ASN B 203 14.01 -5.07 21.46
C ASN B 203 12.80 -4.28 21.92
N GLY B 204 11.62 -4.77 21.55
CA GLY B 204 10.36 -4.40 22.19
C GLY B 204 9.92 -2.95 22.07
N GLU B 205 10.83 -2.05 21.70
CA GLU B 205 10.53 -0.62 21.76
C GLU B 205 10.87 0.19 20.51
N THR B 206 9.85 0.82 19.95
CA THR B 206 10.00 1.73 18.79
C THR B 206 9.22 3.01 19.01
N SER B 207 9.57 4.06 18.26
CA SER B 207 8.88 5.35 18.37
C SER B 207 7.66 5.39 17.45
N LEU B 208 6.51 5.70 18.02
CA LEU B 208 5.31 5.84 17.23
C LEU B 208 5.30 7.04 16.26
N PRO B 209 5.68 8.24 16.73
CA PRO B 209 5.59 9.33 15.75
C PRO B 209 6.44 9.08 14.49
N LEU B 210 7.53 8.34 14.62
CA LEU B 210 8.45 8.20 13.49
C LEU B 210 8.11 6.99 12.62
N LEU B 211 7.51 5.99 13.25
CA LEU B 211 6.82 4.94 12.51
C LEU B 211 5.68 5.50 11.64
N LEU B 212 4.79 6.29 12.25
CA LEU B 212 3.72 7.01 11.52
C LEU B 212 4.24 7.96 10.47
N TYR B 214 6.74 7.89 8.64
CA TYR B 214 7.16 7.20 7.43
C TYR B 214 6.05 6.59 6.57
N VAL B 215 4.96 6.14 7.21
CA VAL B 215 3.71 5.75 6.49
C VAL B 215 3.20 6.95 5.68
N TYR B 217 5.04 9.39 4.81
CA TYR B 217 6.08 9.72 3.81
C TYR B 217 5.82 8.99 2.52
N LEU B 218 5.46 7.70 2.65
CA LEU B 218 5.05 6.79 1.52
C LEU B 218 3.84 7.31 0.74
N CYS B 219 2.71 7.55 1.44
CA CYS B 219 1.57 8.26 0.82
C CYS B 219 2.08 9.44 -0.04
N ASN B 220 2.77 10.36 0.60
CA ASN B 220 3.20 11.55 -0.02
C ASN B 220 4.20 11.30 -1.15
N SER B 221 4.99 10.25 -1.04
CA SER B 221 6.00 10.00 -2.07
C SER B 221 5.38 9.60 -3.41
N VAL B 222 4.11 9.15 -3.36
CA VAL B 222 3.33 8.90 -4.57
C VAL B 222 2.85 10.22 -5.14
N TYR B 223 2.15 11.01 -4.32
CA TYR B 223 1.81 12.38 -4.72
C TYR B 223 3.01 13.09 -5.30
N GLY B 224 4.16 12.89 -4.69
CA GLY B 224 5.39 13.47 -5.16
C GLY B 224 5.66 13.14 -6.60
N TYR B 225 5.72 11.83 -6.87
CA TYR B 225 5.94 11.35 -8.22
C TYR B 225 4.95 12.05 -9.13
N ILE B 226 3.66 11.96 -8.80
CA ILE B 226 2.61 12.52 -9.64
C ILE B 226 2.90 13.98 -9.93
N ASN B 227 3.22 14.73 -8.87
CA ASN B 227 3.30 16.16 -8.99
C ASN B 227 4.53 16.62 -9.73
N TRP B 228 5.62 15.91 -9.55
CA TRP B 228 6.79 16.22 -10.31
C TRP B 228 6.66 15.90 -11.81
N THR B 229 5.80 14.94 -12.17
CA THR B 229 5.51 14.79 -13.60
C THR B 229 4.84 16.05 -14.14
N LYS B 230 3.91 16.62 -13.37
CA LYS B 230 3.32 17.92 -13.75
C LYS B 230 4.39 19.01 -13.84
N LEU B 231 5.35 19.01 -12.92
CA LEU B 231 6.43 20.02 -12.96
C LEU B 231 7.32 19.86 -14.19
N VAL B 232 7.57 18.62 -14.59
CA VAL B 232 8.40 18.39 -15.77
C VAL B 232 7.72 18.91 -17.02
N LYS B 233 6.40 18.83 -17.07
CA LYS B 233 5.66 19.29 -18.23
C LYS B 233 5.66 20.78 -18.32
N ARG B 234 5.45 21.44 -17.16
CA ARG B 234 5.33 22.89 -17.08
C ARG B 234 6.61 23.55 -17.56
N HIS B 235 7.76 22.99 -17.19
CA HIS B 235 9.04 23.65 -17.52
C HIS B 235 9.89 22.80 -18.46
N SER B 236 9.51 22.81 -19.76
CA SER B 236 10.03 21.88 -20.79
C SER B 236 9.61 20.42 -20.56
N GLY C 2 -37.95 -1.36 2.20
CA GLY C 2 -39.09 -2.28 2.48
C GLY C 2 -39.28 -3.36 1.43
N SER C 3 -39.59 -2.94 0.20
CA SER C 3 -40.01 -3.87 -0.86
C SER C 3 -38.90 -4.81 -1.33
N LEU C 4 -39.28 -6.08 -1.56
CA LEU C 4 -38.40 -7.05 -2.20
C LEU C 4 -37.89 -6.48 -3.51
N ALA C 5 -38.80 -5.88 -4.27
CA ALA C 5 -38.43 -5.15 -5.47
C ALA C 5 -37.38 -4.11 -5.11
N TRP C 6 -37.58 -3.48 -3.97
CA TRP C 6 -36.59 -2.53 -3.45
C TRP C 6 -35.31 -3.23 -3.10
N TRP C 7 -35.41 -4.33 -2.37
CA TRP C 7 -34.22 -5.04 -1.94
C TRP C 7 -33.44 -5.50 -3.14
N LYS C 8 -34.13 -5.74 -4.25
CA LYS C 8 -33.50 -6.18 -5.48
C LYS C 8 -32.63 -5.07 -6.06
N ARG C 9 -33.14 -3.84 -5.99
CA ARG C 9 -32.40 -2.65 -6.46
C ARG C 9 -31.14 -2.37 -5.64
N GLU C 10 -31.31 -2.22 -4.34
CA GLU C 10 -30.22 -1.94 -3.45
C GLU C 10 -29.07 -2.93 -3.61
N LEU C 11 -29.38 -4.22 -3.69
CA LEU C 11 -28.35 -5.28 -3.67
C LEU C 11 -27.68 -5.49 -5.01
N PHE C 12 -28.41 -5.28 -6.08
CA PHE C 12 -27.92 -5.69 -7.39
C PHE C 12 -27.85 -4.54 -8.39
N GLY C 13 -28.32 -3.36 -7.96
CA GLY C 13 -28.51 -2.23 -8.87
C GLY C 13 -27.29 -1.36 -9.02
N GLY C 14 -26.89 -1.12 -10.26
CA GLY C 14 -25.99 -0.03 -10.58
C GLY C 14 -24.58 -0.21 -10.09
N TRP C 15 -24.10 -1.47 -10.04
CA TRP C 15 -22.65 -1.74 -9.90
C TRP C 15 -21.98 -1.68 -11.25
N THR C 16 -20.81 -1.04 -11.31
CA THR C 16 -19.87 -1.23 -12.39
C THR C 16 -19.33 -2.66 -12.36
N HIS C 17 -18.77 -3.09 -13.50
CA HIS C 17 -18.11 -4.39 -13.63
C HIS C 17 -16.98 -4.50 -12.60
N PHE C 18 -16.14 -3.47 -12.57
CA PHE C 18 -15.01 -3.41 -11.66
C PHE C 18 -15.44 -3.51 -10.19
N GLU C 19 -16.42 -2.71 -9.76
CA GLU C 19 -16.94 -2.83 -8.39
C GLU C 19 -17.40 -4.26 -8.12
N ALA C 20 -18.02 -4.88 -9.11
CA ALA C 20 -18.54 -6.23 -8.93
C ALA C 20 -17.42 -7.25 -8.72
N VAL C 21 -16.42 -7.21 -9.60
CA VAL C 21 -15.26 -8.10 -9.54
C VAL C 21 -14.60 -8.12 -8.17
N TRP C 22 -14.32 -6.94 -7.64
CA TRP C 22 -13.59 -6.82 -6.38
C TRP C 22 -14.41 -7.22 -5.18
N LEU C 23 -15.69 -6.85 -5.17
CA LEU C 23 -16.57 -7.28 -4.09
C LEU C 23 -16.70 -8.81 -4.05
N LEU C 24 -16.93 -9.42 -5.22
CA LEU C 24 -17.03 -10.86 -5.33
C LEU C 24 -15.73 -11.55 -4.92
N PHE C 26 -13.63 -10.32 -2.85
CA PHE C 26 -13.43 -10.08 -1.43
C PHE C 26 -14.20 -11.09 -0.60
N LEU C 27 -15.42 -11.41 -1.04
CA LEU C 27 -16.25 -12.40 -0.38
C LEU C 27 -15.70 -13.80 -0.59
N GLY C 28 -15.11 -14.03 -1.78
CA GLY C 28 -14.39 -15.26 -2.07
C GLY C 28 -13.26 -15.57 -1.10
N ILE C 29 -12.30 -14.64 -0.97
CA ILE C 29 -11.15 -14.81 -0.08
C ILE C 29 -11.63 -15.04 1.34
N GLN C 30 -12.78 -14.45 1.65
CA GLN C 30 -13.40 -14.57 2.95
C GLN C 30 -14.02 -15.97 3.10
N ALA C 31 -14.70 -16.44 2.03
CA ALA C 31 -15.27 -17.78 1.99
C ALA C 31 -14.18 -18.81 2.08
N VAL C 32 -13.14 -18.63 1.28
CA VAL C 32 -12.03 -19.57 1.23
C VAL C 32 -11.26 -19.65 2.57
N VAL C 33 -11.10 -18.50 3.26
CA VAL C 33 -10.48 -18.51 4.62
C VAL C 33 -11.29 -19.29 5.67
N PHE C 34 -12.61 -19.29 5.51
CA PHE C 34 -13.52 -19.99 6.44
C PHE C 34 -13.68 -21.47 6.11
N VAL C 35 -13.67 -21.82 4.82
CA VAL C 35 -13.64 -23.24 4.43
C VAL C 35 -12.30 -23.86 4.83
N PHE C 36 -11.55 -23.16 5.68
CA PHE C 36 -10.37 -23.71 6.30
C PHE C 36 -10.55 -23.73 7.80
N ASN C 37 -11.32 -22.76 8.31
CA ASN C 37 -11.49 -22.59 9.76
C ASN C 37 -12.96 -22.47 10.17
N PRO C 38 -13.73 -23.59 10.11
CA PRO C 38 -15.16 -23.47 10.39
C PRO C 38 -15.41 -23.01 11.83
N ASP C 39 -14.44 -23.31 12.71
CA ASP C 39 -14.53 -23.04 14.14
C ASP C 39 -14.78 -21.55 14.47
N SER C 40 -13.99 -20.65 13.88
CA SER C 40 -14.23 -19.21 14.01
C SER C 40 -15.20 -18.71 12.93
N TRP C 41 -16.44 -19.19 13.01
CA TRP C 41 -17.49 -18.79 12.11
C TRP C 41 -17.92 -17.35 12.37
N LEU C 42 -17.70 -16.89 13.60
CA LEU C 42 -18.15 -15.57 14.03
C LEU C 42 -17.44 -14.48 13.26
N ALA C 43 -16.12 -14.42 13.43
CA ALA C 43 -15.29 -13.44 12.77
C ALA C 43 -15.43 -13.48 11.25
N SER C 44 -15.74 -14.66 10.71
CA SER C 44 -15.95 -14.77 9.28
C SER C 44 -17.28 -14.19 8.82
N VAL C 45 -18.34 -14.37 9.61
CA VAL C 45 -19.58 -13.60 9.41
C VAL C 45 -19.28 -12.10 9.60
N ALA C 46 -18.48 -11.79 10.61
CA ALA C 46 -18.15 -10.40 10.91
C ALA C 46 -17.40 -9.73 9.76
N ALA C 47 -16.67 -10.51 8.97
CA ALA C 47 -16.00 -9.96 7.80
C ALA C 47 -16.96 -9.79 6.64
N VAL C 48 -17.58 -10.87 6.20
CA VAL C 48 -18.56 -10.84 5.10
C VAL C 48 -19.61 -9.71 5.24
N THR C 49 -20.31 -9.66 6.37
CA THR C 49 -21.06 -8.45 6.75
C THR C 49 -20.04 -7.51 7.32
N GLY C 50 -19.67 -6.49 6.56
CA GLY C 50 -18.62 -5.62 6.99
C GLY C 50 -17.80 -5.25 5.82
N ILE C 51 -17.44 -6.24 5.03
CA ILE C 51 -16.94 -5.98 3.68
C ILE C 51 -18.08 -5.40 2.85
N LEU C 52 -19.26 -6.02 2.95
CA LEU C 52 -20.45 -5.45 2.37
C LEU C 52 -20.80 -4.07 2.94
N CYS C 53 -20.66 -3.89 4.27
CA CYS C 53 -20.96 -2.58 4.85
C CYS C 53 -20.18 -1.48 4.16
N VAL C 54 -18.85 -1.57 4.22
CA VAL C 54 -18.01 -0.50 3.69
C VAL C 54 -18.02 -0.36 2.16
N VAL C 55 -18.18 -1.46 1.44
CA VAL C 55 -18.30 -1.35 -0.01
C VAL C 55 -19.56 -0.55 -0.38
N PHE C 56 -20.64 -0.77 0.38
CA PHE C 56 -21.90 -0.03 0.21
C PHE C 56 -21.81 1.46 0.59
N VAL C 57 -21.07 1.78 1.67
CA VAL C 57 -20.75 3.19 1.99
C VAL C 57 -20.00 3.86 0.83
N GLY C 58 -19.00 3.17 0.29
CA GLY C 58 -18.22 3.69 -0.82
C GLY C 58 -19.11 4.00 -1.99
N LYS C 59 -20.11 3.14 -2.21
CA LYS C 59 -21.11 3.33 -3.26
C LYS C 59 -22.12 4.43 -2.89
N GLY C 60 -22.26 4.67 -1.60
CA GLY C 60 -23.21 5.63 -1.10
C GLY C 60 -24.60 5.05 -1.00
N LYS C 61 -24.68 3.71 -0.96
CA LYS C 61 -25.97 2.99 -0.80
C LYS C 61 -26.46 2.98 0.64
N ILE C 62 -27.77 3.13 0.84
CA ILE C 62 -28.36 3.31 2.17
C ILE C 62 -28.42 2.04 3.00
N SER C 63 -28.48 0.90 2.30
CA SER C 63 -28.59 -0.40 2.94
C SER C 63 -27.28 -0.87 3.52
N ASN C 64 -26.28 0.00 3.51
CA ASN C 64 -25.05 -0.28 4.22
C ASN C 64 -25.33 -0.45 5.71
N TYR C 65 -26.31 0.30 6.21
CA TYR C 65 -26.52 0.41 7.65
C TYR C 65 -27.01 -0.86 8.33
N LEU C 66 -27.87 -1.61 7.64
CA LEU C 66 -28.30 -2.89 8.15
C LEU C 66 -27.11 -3.86 8.32
N PHE C 67 -26.32 -4.00 7.26
CA PHE C 67 -25.08 -4.77 7.31
C PHE C 67 -24.18 -4.30 8.45
N GLY C 68 -23.96 -2.99 8.53
CA GLY C 68 -23.09 -2.42 9.55
C GLY C 68 -23.52 -2.84 10.94
N LEU C 69 -24.82 -2.81 11.18
CA LEU C 69 -25.39 -3.15 12.48
C LEU C 69 -24.95 -4.54 12.94
N ILE C 70 -25.11 -5.54 12.08
CA ILE C 70 -24.63 -6.91 12.34
C ILE C 70 -23.13 -6.89 12.56
N SER C 71 -22.42 -6.36 11.56
CA SER C 71 -21.00 -6.47 11.48
C SER C 71 -20.30 -5.93 12.72
N VAL C 72 -20.59 -4.67 13.08
CA VAL C 72 -19.89 -4.01 14.21
C VAL C 72 -20.15 -4.71 15.56
N SER C 73 -21.33 -5.34 15.68
CA SER C 73 -21.71 -6.01 16.93
C SER C 73 -20.84 -7.22 17.12
N LEU C 74 -20.99 -8.17 16.21
CA LEU C 74 -20.11 -9.30 16.16
C LEU C 74 -18.64 -8.90 16.39
N TYR C 75 -18.12 -8.03 15.51
CA TYR C 75 -16.73 -7.60 15.60
C TYR C 75 -16.42 -7.11 17.01
N ALA C 76 -17.37 -6.42 17.63
CA ALA C 76 -17.16 -5.90 18.98
C ALA C 76 -16.87 -7.04 19.95
N TYR C 77 -17.64 -8.12 19.82
CA TYR C 77 -17.44 -9.31 20.65
C TYR C 77 -16.07 -9.93 20.34
N VAL C 78 -15.85 -10.23 19.06
CA VAL C 78 -14.63 -10.89 18.61
C VAL C 78 -13.36 -10.10 18.94
N SER C 79 -13.45 -8.77 18.95
CA SER C 79 -12.28 -7.95 19.32
C SER C 79 -12.00 -7.97 20.82
N TYR C 80 -13.03 -8.29 21.61
CA TYR C 80 -12.86 -8.52 23.05
C TYR C 80 -12.21 -9.87 23.31
N THR C 81 -12.74 -10.91 22.68
CA THR C 81 -12.22 -12.27 22.86
C THR C 81 -10.76 -12.35 22.43
N PHE C 82 -10.22 -11.24 21.95
CA PHE C 82 -8.83 -11.18 21.56
C PHE C 82 -8.04 -10.17 22.38
N LYS C 83 -8.73 -9.51 23.31
CA LYS C 83 -8.10 -8.50 24.18
C LYS C 83 -7.69 -7.22 23.40
N LEU C 84 -8.42 -6.92 22.32
CA LEU C 84 -8.35 -5.60 21.71
C LEU C 84 -9.44 -4.73 22.31
N TYR C 85 -9.11 -4.04 23.39
CA TYR C 85 -10.10 -3.30 24.17
C TYR C 85 -10.49 -1.96 23.53
N GLY C 86 -9.57 -1.38 22.75
CA GLY C 86 -9.86 -0.17 21.97
C GLY C 86 -10.99 -0.39 20.98
N GLU C 87 -10.91 -1.50 20.24
CA GLU C 87 -11.89 -1.78 19.19
C GLU C 87 -13.24 -2.20 19.75
N LEU C 90 -15.38 0.83 21.19
CA LEU C 90 -15.69 1.69 20.03
C LEU C 90 -16.90 1.19 19.24
N ASN C 91 -16.85 -0.07 18.82
CA ASN C 91 -17.94 -0.66 18.03
C ASN C 91 -19.26 -0.75 18.80
N LEU C 92 -19.18 -1.22 20.05
CA LEU C 92 -20.39 -1.42 20.87
C LEU C 92 -21.11 -0.11 21.28
N LEU C 93 -20.37 0.83 21.86
CA LEU C 93 -20.96 2.09 22.35
C LEU C 93 -21.24 3.12 21.24
N VAL C 94 -20.34 3.23 20.26
CA VAL C 94 -20.42 4.30 19.25
C VAL C 94 -21.07 3.83 17.94
N TYR C 95 -20.49 2.81 17.29
CA TYR C 95 -20.96 2.39 15.96
C TYR C 95 -22.39 1.81 16.00
N VAL C 96 -22.75 1.10 17.07
CA VAL C 96 -24.04 0.40 17.12
C VAL C 96 -25.26 1.35 17.19
N PRO C 97 -25.21 2.37 18.08
CA PRO C 97 -26.31 3.32 17.97
C PRO C 97 -26.27 4.13 16.65
N VAL C 98 -25.08 4.54 16.25
CA VAL C 98 -24.90 5.40 15.08
C VAL C 98 -25.45 4.78 13.78
N GLN C 99 -25.46 3.45 13.70
CA GLN C 99 -26.08 2.76 12.56
C GLN C 99 -27.49 3.28 12.28
N PHE C 100 -28.28 3.47 13.35
CA PHE C 100 -29.67 3.95 13.20
C PHE C 100 -29.67 5.44 12.92
N VAL C 101 -29.00 6.21 13.77
CA VAL C 101 -28.75 7.63 13.56
C VAL C 101 -28.38 7.91 12.10
N GLY C 102 -27.36 7.21 11.62
CA GLY C 102 -26.95 7.23 10.23
C GLY C 102 -28.09 6.95 9.25
N PHE C 103 -28.83 5.87 9.46
CA PHE C 103 -29.95 5.54 8.56
C PHE C 103 -30.98 6.66 8.51
N ALA C 104 -31.22 7.28 9.68
CA ALA C 104 -32.09 8.44 9.80
C ALA C 104 -31.68 9.55 8.83
N TRP C 106 -29.13 9.90 6.59
CA TRP C 106 -28.91 9.53 5.21
C TRP C 106 -30.26 9.43 4.48
N ARG C 107 -31.21 8.71 5.09
CA ARG C 107 -32.56 8.49 4.52
C ARG C 107 -33.16 9.75 3.91
N LYS C 108 -32.91 10.88 4.55
CA LYS C 108 -33.46 12.15 4.10
C LYS C 108 -32.79 12.72 2.85
N HIS C 109 -31.63 12.19 2.48
CA HIS C 109 -30.79 12.86 1.46
C HIS C 109 -30.31 11.93 0.33
N ALA C 111 -31.02 10.02 -3.73
CA ALA C 111 -31.14 10.49 -5.14
C ALA C 111 -30.78 9.36 -6.12
N LEU C 112 -31.06 9.57 -7.40
CA LEU C 112 -31.05 8.46 -8.37
C LEU C 112 -29.67 7.93 -8.85
N GLY C 113 -28.93 8.74 -9.61
CA GLY C 113 -27.64 8.28 -10.13
C GLY C 113 -27.81 7.72 -11.52
N GLU C 114 -26.78 7.85 -12.35
CA GLU C 114 -26.96 7.96 -13.81
C GLU C 114 -27.71 6.83 -14.52
N THR C 115 -27.59 5.61 -14.02
CA THR C 115 -28.38 4.46 -14.51
C THR C 115 -29.80 4.53 -13.98
N ALA C 116 -29.95 5.12 -12.81
CA ALA C 116 -31.22 5.10 -12.07
C ALA C 116 -31.67 3.67 -11.75
N GLU C 117 -30.72 2.79 -11.42
CA GLU C 117 -31.05 1.42 -11.00
C GLU C 117 -30.98 1.28 -9.48
N THR C 118 -30.58 2.37 -8.82
CA THR C 118 -30.47 2.42 -7.37
C THR C 118 -30.51 3.89 -6.89
N GLU C 119 -30.35 4.09 -5.59
CA GLU C 119 -30.33 5.43 -5.05
C GLU C 119 -29.02 5.66 -4.32
N GLU C 120 -28.32 6.75 -4.68
CA GLU C 120 -27.06 7.16 -3.99
C GLU C 120 -27.28 8.41 -3.13
N VAL C 121 -26.73 8.38 -1.92
CA VAL C 121 -26.72 9.55 -1.01
C VAL C 121 -26.05 10.77 -1.64
N LYS C 122 -26.45 11.97 -1.22
CA LYS C 122 -25.92 13.20 -1.77
C LYS C 122 -24.68 13.60 -0.99
N ALA C 123 -23.53 13.55 -1.65
CA ALA C 123 -22.25 13.73 -0.98
C ALA C 123 -21.84 15.19 -0.96
N LYS C 124 -21.28 15.64 0.16
CA LYS C 124 -20.85 17.04 0.33
C LYS C 124 -19.34 17.12 0.54
N ALA C 125 -18.77 18.29 0.28
CA ALA C 125 -17.33 18.51 0.43
C ALA C 125 -17.03 19.66 1.36
N LEU C 126 -16.37 19.36 2.48
CA LEU C 126 -15.80 20.38 3.39
C LEU C 126 -14.78 21.24 2.67
N THR C 127 -14.63 22.50 3.12
CA THR C 127 -13.52 23.36 2.65
C THR C 127 -12.35 23.29 3.62
N VAL C 128 -11.23 23.89 3.24
CA VAL C 128 -9.99 23.73 3.97
C VAL C 128 -10.18 24.33 5.36
N ARG C 129 -10.85 25.48 5.41
CA ARG C 129 -11.15 26.15 6.66
C ARG C 129 -12.02 25.24 7.50
N GLN C 130 -13.17 24.88 6.96
CA GLN C 130 -14.07 23.92 7.60
C GLN C 130 -13.35 22.68 8.13
N TRP C 131 -12.39 22.17 7.33
CA TRP C 131 -11.55 21.03 7.71
C TRP C 131 -10.67 21.37 8.92
N LEU C 132 -9.83 22.42 8.77
CA LEU C 132 -8.86 22.78 9.82
C LEU C 132 -9.51 22.83 11.20
N LEU C 133 -10.77 23.25 11.26
CA LEU C 133 -11.56 23.13 12.46
C LEU C 133 -11.67 21.69 12.94
N VAL C 134 -12.21 20.81 12.07
CA VAL C 134 -12.47 19.40 12.45
C VAL C 134 -11.21 18.69 12.97
N VAL C 135 -10.08 18.88 12.28
CA VAL C 135 -8.79 18.35 12.73
C VAL C 135 -8.47 18.78 14.17
N ALA C 136 -8.64 20.07 14.44
CA ALA C 136 -8.47 20.65 15.77
C ALA C 136 -9.43 20.02 16.77
N ALA C 137 -10.73 20.08 16.46
CA ALA C 137 -11.75 19.36 17.20
C ALA C 137 -11.25 18.01 17.76
N SER C 138 -10.61 17.20 16.90
CA SER C 138 -10.14 15.86 17.32
C SER C 138 -9.01 15.93 18.32
N VAL C 139 -8.16 16.94 18.19
CA VAL C 139 -7.03 17.10 19.11
C VAL C 139 -7.53 17.61 20.47
N VAL C 140 -8.50 18.52 20.44
CA VAL C 140 -9.25 18.93 21.64
C VAL C 140 -9.86 17.70 22.34
N GLY C 141 -10.71 16.97 21.62
CA GLY C 141 -11.45 15.85 22.17
C GLY C 141 -10.61 14.60 22.37
N THR C 142 -9.30 14.71 22.17
CA THR C 142 -8.39 13.64 22.55
C THR C 142 -8.15 13.74 24.04
N SER C 143 -7.89 14.98 24.50
CA SER C 143 -7.74 15.31 25.93
C SER C 143 -9.02 14.97 26.68
N VAL C 144 -10.15 15.03 25.98
CA VAL C 144 -11.46 14.68 26.54
C VAL C 144 -11.67 13.15 26.60
N TYR C 145 -11.00 12.42 25.70
CA TYR C 145 -11.05 10.97 25.71
C TYR C 145 -10.01 10.37 26.69
N ILE C 146 -9.10 11.22 27.18
CA ILE C 146 -8.15 10.82 28.21
C ILE C 146 -8.76 11.01 29.61
N GLU C 147 -9.45 12.16 29.80
CA GLU C 147 -10.18 12.46 31.05
C GLU C 147 -11.24 11.40 31.33
N TRP C 148 -12.22 11.29 30.43
CA TRP C 148 -13.10 10.15 30.38
C TRP C 148 -12.23 8.94 30.25
N LEU C 149 -12.72 7.80 30.72
CA LEU C 149 -12.00 6.55 30.57
C LEU C 149 -10.80 6.43 31.52
N HIS C 150 -10.49 7.52 32.23
CA HIS C 150 -9.70 7.39 33.46
C HIS C 150 -10.53 6.58 34.45
N HIS C 151 -11.85 6.82 34.43
CA HIS C 151 -12.81 5.99 35.17
C HIS C 151 -12.74 4.53 34.75
N LEU C 152 -12.74 3.63 35.73
CA LEU C 152 -12.30 2.20 35.58
C LEU C 152 -10.78 2.11 35.31
N GLY C 153 -10.04 3.10 35.79
CA GLY C 153 -8.65 3.28 35.38
C GLY C 153 -8.63 3.41 33.88
N SER C 154 -7.45 3.31 33.29
CA SER C 154 -7.39 3.25 31.84
C SER C 154 -6.34 2.28 31.39
N ALA C 155 -6.74 1.35 30.54
CA ALA C 155 -5.81 0.41 29.95
C ALA C 155 -5.92 0.44 28.43
N LEU C 156 -5.49 1.56 27.84
CA LEU C 156 -5.45 1.71 26.40
C LEU C 156 -4.03 2.05 26.01
N PRO C 157 -3.37 1.16 25.24
CA PRO C 157 -2.09 1.60 24.76
C PRO C 157 -2.32 2.74 23.79
N THR C 158 -1.32 3.60 23.66
CA THR C 158 -1.47 4.85 22.95
C THR C 158 -2.03 4.61 21.55
N LEU C 159 -1.43 3.68 20.82
CA LEU C 159 -1.86 3.45 19.47
C LEU C 159 -3.27 2.90 19.42
N ASP C 160 -3.59 1.92 20.26
CA ASP C 160 -4.98 1.42 20.35
C ASP C 160 -5.86 2.61 20.61
N GLY C 161 -5.26 3.63 21.23
CA GLY C 161 -5.98 4.85 21.57
C GLY C 161 -6.20 5.76 20.38
N VAL C 162 -5.11 6.05 19.64
CA VAL C 162 -5.14 6.92 18.44
C VAL C 162 -6.18 6.46 17.42
N THR C 163 -6.16 5.19 17.09
CA THR C 163 -7.13 4.67 16.15
C THR C 163 -8.60 4.90 16.62
N VAL C 164 -8.79 5.25 17.88
CA VAL C 164 -10.15 5.43 18.37
C VAL C 164 -10.77 6.82 18.19
N VAL C 165 -10.01 7.88 18.47
CA VAL C 165 -10.42 9.26 18.12
C VAL C 165 -10.72 9.34 16.62
N VAL C 166 -9.72 8.95 15.83
CA VAL C 166 -9.79 9.04 14.37
C VAL C 166 -11.02 8.32 13.86
N SER C 167 -11.30 7.14 14.40
CA SER C 167 -12.49 6.38 14.00
C SER C 167 -13.84 7.06 14.30
N ILE C 168 -13.91 7.79 15.43
CA ILE C 168 -15.15 8.53 15.79
C ILE C 168 -15.37 9.68 14.82
N VAL C 169 -14.34 10.53 14.67
CA VAL C 169 -14.37 11.65 13.71
C VAL C 169 -14.77 11.20 12.29
N ALA C 170 -14.10 10.17 11.78
CA ALA C 170 -14.48 9.54 10.51
C ALA C 170 -15.98 9.17 10.48
N GLN C 171 -16.45 8.48 11.51
CA GLN C 171 -17.85 8.03 11.56
C GLN C 171 -18.81 9.21 11.50
N VAL C 172 -18.33 10.34 12.03
CA VAL C 172 -19.16 11.53 12.17
C VAL C 172 -19.31 12.28 10.85
N LEU C 173 -18.19 12.51 10.16
CA LEU C 173 -18.23 12.97 8.77
C LEU C 173 -19.10 12.05 7.86
N ILE C 175 -21.78 9.86 8.56
CA ILE C 175 -23.22 10.09 8.74
C ILE C 175 -23.64 11.46 8.23
N LEU C 176 -22.79 12.46 8.45
CA LEU C 176 -23.01 13.83 7.92
C LEU C 176 -22.81 13.98 6.38
N ARG C 177 -22.47 12.89 5.69
CA ARG C 177 -22.37 12.87 4.20
C ARG C 177 -21.17 13.63 3.57
N TYR C 178 -20.05 13.71 4.27
CA TYR C 178 -18.89 14.46 3.76
C TYR C 178 -17.86 13.53 3.15
N ARG C 179 -17.32 13.95 2.01
CA ARG C 179 -16.33 13.14 1.31
C ARG C 179 -14.98 13.05 2.04
N GLU C 180 -14.69 13.96 2.96
CA GLU C 180 -13.38 13.96 3.61
C GLU C 180 -13.21 12.81 4.60
N GLN C 181 -14.30 12.10 4.88
CA GLN C 181 -14.28 10.95 5.76
C GLN C 181 -13.24 9.93 5.27
N TRP C 182 -13.21 9.68 3.96
CA TRP C 182 -12.26 8.74 3.36
C TRP C 182 -10.77 9.02 3.61
N ALA C 183 -10.38 10.27 3.69
CA ALA C 183 -9.01 10.55 4.08
C ALA C 183 -8.76 9.95 5.46
N LEU C 184 -9.72 10.16 6.38
CA LEU C 184 -9.64 9.59 7.74
C LEU C 184 -9.71 8.09 7.72
N TRP C 185 -10.73 7.51 7.09
CA TRP C 185 -10.81 6.03 6.92
C TRP C 185 -9.48 5.39 6.48
N ILE C 186 -8.74 6.04 5.58
CA ILE C 186 -7.45 5.46 5.16
C ILE C 186 -6.46 5.37 6.34
N VAL C 187 -6.49 6.33 7.22
CA VAL C 187 -5.69 6.27 8.43
C VAL C 187 -6.22 5.24 9.46
N VAL C 188 -7.53 5.17 9.67
CA VAL C 188 -8.05 4.13 10.59
C VAL C 188 -7.82 2.74 10.08
N ASN C 189 -7.69 2.58 8.77
CA ASN C 189 -7.46 1.21 8.24
C ASN C 189 -5.99 0.73 8.32
N ILE C 190 -5.04 1.60 7.95
CA ILE C 190 -3.64 1.31 8.20
C ILE C 190 -3.35 1.13 9.70
N LEU C 191 -4.13 1.74 10.56
CA LEU C 191 -3.91 1.58 12.00
C LEU C 191 -4.46 0.26 12.55
N THR C 192 -5.72 -0.04 12.28
CA THR C 192 -6.32 -1.31 12.72
C THR C 192 -5.63 -2.58 12.16
N ILE C 193 -5.01 -2.49 10.97
CA ILE C 193 -4.23 -3.61 10.45
C ILE C 193 -3.08 -3.91 11.42
N SER C 194 -2.38 -2.84 11.85
CA SER C 194 -1.31 -2.94 12.89
C SER C 194 -1.83 -3.49 14.19
N LEU C 195 -3.02 -3.05 14.60
CA LEU C 195 -3.67 -3.56 15.83
C LEU C 195 -3.83 -5.07 15.83
N TRP C 196 -4.39 -5.61 14.75
CA TRP C 196 -4.53 -7.05 14.66
C TRP C 196 -3.21 -7.77 14.36
N ALA C 197 -2.20 -7.04 13.85
CA ALA C 197 -0.91 -7.64 13.60
C ALA C 197 -0.09 -7.73 14.87
N VAL C 198 -0.20 -6.73 15.74
CA VAL C 198 0.53 -6.80 17.00
C VAL C 198 -0.18 -7.74 17.97
N ALA C 199 -1.51 -7.78 17.87
CA ALA C 199 -2.30 -8.68 18.69
C ALA C 199 -1.83 -10.11 18.52
N TRP C 200 -1.25 -10.40 17.34
CA TRP C 200 -0.73 -11.74 17.03
C TRP C 200 0.59 -12.04 17.78
N PHE C 201 1.04 -11.07 18.60
CA PHE C 201 2.21 -11.26 19.47
C PHE C 201 1.89 -11.14 20.97
N LYS C 202 0.73 -10.60 21.30
CA LYS C 202 0.35 -10.40 22.72
C LYS C 202 -1.11 -10.79 23.01
N ASN C 203 -1.35 -12.08 23.28
CA ASN C 203 -0.30 -13.09 23.36
C ASN C 203 -0.29 -13.95 22.09
N GLY C 204 0.75 -13.81 21.29
CA GLY C 204 0.97 -14.66 20.11
C GLY C 204 -0.27 -15.14 19.37
N GLU C 205 -1.24 -14.25 19.17
CA GLU C 205 -2.51 -14.63 18.53
C GLU C 205 -3.36 -13.52 17.90
N THR C 206 -4.10 -13.88 16.85
CA THR C 206 -5.04 -12.98 16.15
C THR C 206 -6.04 -13.78 15.28
N SER C 207 -7.01 -13.09 14.71
CA SER C 207 -7.98 -13.75 13.84
C SER C 207 -7.81 -13.34 12.40
N LEU C 208 -7.60 -14.33 11.53
CA LEU C 208 -7.35 -14.05 10.12
C LEU C 208 -8.53 -13.41 9.38
N PRO C 209 -9.78 -13.86 9.65
CA PRO C 209 -10.87 -13.25 8.90
C PRO C 209 -10.93 -11.72 9.06
N LEU C 210 -10.59 -11.22 10.25
CA LEU C 210 -10.72 -9.80 10.53
C LEU C 210 -9.47 -8.97 10.21
N LEU C 211 -8.29 -9.55 10.42
CA LEU C 211 -7.06 -8.95 9.92
C LEU C 211 -7.12 -8.85 8.41
N LEU C 212 -7.60 -9.90 7.76
CA LEU C 212 -7.78 -9.86 6.31
C LEU C 212 -8.84 -8.85 5.93
N TYR C 214 -9.56 -6.04 7.39
CA TYR C 214 -8.99 -4.69 7.40
C TYR C 214 -8.05 -4.37 6.26
N VAL C 215 -7.46 -5.40 5.64
CA VAL C 215 -6.73 -5.15 4.40
C VAL C 215 -7.70 -4.82 3.27
N TYR C 217 -10.62 -3.59 3.66
CA TYR C 217 -11.07 -2.27 4.05
C TYR C 217 -10.20 -1.17 3.47
N LEU C 218 -8.88 -1.34 3.56
CA LEU C 218 -7.91 -0.33 3.13
C LEU C 218 -8.04 -0.07 1.62
N CYS C 219 -8.08 -1.14 0.85
CA CYS C 219 -8.28 -1.02 -0.58
C CYS C 219 -9.55 -0.21 -0.85
N ASN C 220 -10.67 -0.71 -0.36
CA ASN C 220 -11.98 -0.10 -0.56
C ASN C 220 -12.02 1.36 -0.12
N SER C 221 -11.31 1.69 0.96
CA SER C 221 -11.30 3.06 1.44
C SER C 221 -10.58 4.00 0.47
N VAL C 222 -9.69 3.46 -0.39
CA VAL C 222 -9.18 4.27 -1.50
C VAL C 222 -10.23 4.39 -2.58
N TYR C 223 -10.92 3.29 -2.88
CA TYR C 223 -12.08 3.38 -3.79
C TYR C 223 -13.11 4.41 -3.32
N GLY C 224 -13.48 4.33 -2.04
CA GLY C 224 -14.43 5.29 -1.42
C GLY C 224 -14.08 6.73 -1.71
N TYR C 225 -12.86 7.11 -1.37
CA TYR C 225 -12.39 8.44 -1.68
C TYR C 225 -12.60 8.79 -3.15
N ILE C 226 -12.11 7.94 -4.05
CA ILE C 226 -12.35 8.15 -5.50
C ILE C 226 -13.85 8.29 -5.88
N ASN C 227 -14.68 7.32 -5.49
CA ASN C 227 -16.10 7.29 -5.87
C ASN C 227 -16.90 8.40 -5.26
N TRP C 228 -16.71 8.61 -3.96
CA TRP C 228 -17.31 9.76 -3.27
C TRP C 228 -16.93 11.11 -3.88
N THR C 229 -15.73 11.23 -4.45
CA THR C 229 -15.45 12.40 -5.26
C THR C 229 -16.40 12.51 -6.46
N LYS C 230 -16.50 11.45 -7.25
CA LYS C 230 -17.43 11.42 -8.38
C LYS C 230 -18.85 11.81 -7.92
N LEU C 231 -19.17 11.45 -6.68
CA LEU C 231 -20.47 11.63 -6.11
C LEU C 231 -20.68 13.10 -5.74
N VAL C 232 -19.69 13.68 -5.09
CA VAL C 232 -19.75 15.10 -4.70
C VAL C 232 -19.96 16.00 -5.92
N LYS C 233 -19.39 15.63 -7.07
CA LYS C 233 -19.63 16.38 -8.29
C LYS C 233 -21.04 16.20 -8.79
N ARG C 234 -21.57 14.98 -8.75
CA ARG C 234 -22.91 14.74 -9.28
C ARG C 234 -23.93 15.68 -8.63
N HIS C 235 -23.53 16.34 -7.54
CA HIS C 235 -24.46 17.17 -6.77
C HIS C 235 -23.85 18.50 -6.29
N SER C 236 -23.62 19.40 -7.24
CA SER C 236 -22.76 20.57 -7.01
C SER C 236 -22.81 21.58 -8.15
N GLY C 237 -21.87 22.53 -8.10
CA GLY C 237 -21.91 23.75 -8.89
C GLY C 237 -22.17 23.65 -10.39
N GLN C 238 -21.49 22.73 -11.06
CA GLN C 238 -21.67 22.57 -12.49
C GLN C 238 -21.07 23.76 -13.25
#